data_4JFE
#
_entry.id   4JFE
#
_cell.length_a   121.610
_cell.length_b   121.610
_cell.length_c   82.250
_cell.angle_alpha   90.000
_cell.angle_beta   90.000
_cell.angle_gamma   90.000
#
_symmetry.space_group_name_H-M   'P 43'
#
loop_
_entity.id
_entity.type
_entity.pdbx_description
1 polymer 'HLA class I histocompatibility antigen, A-2 alpha chain'
2 polymer Beta-2-microglobulin
3 polymer 'Melanoma peptide L7A'
4 polymer 'High Affinity TCR Alpha Chain'
5 polymer 'High Affinity TCR Beta Chain'
6 non-polymer 'SULFATE ION'
7 non-polymer GLYCEROL
8 water water
#
loop_
_entity_poly.entity_id
_entity_poly.type
_entity_poly.pdbx_seq_one_letter_code
_entity_poly.pdbx_strand_id
1 'polypeptide(L)'
;GSHSMRYFFTSVSRPGRGEPRFIAVGYVDDTQFVRFDSDAASQRMEPRAPWIEQEGPEYWDGETRKVKAHSQTHRVDLGT
LRGYYNQSEAGSHTVQRMYGCDVGSDWRFLRGYHQYAYDGKDYIALKEDLRSWTAADMAAQTTKHKWEAAHVAEQLRAYL
EGTCVEWLRRYLENGKETLQRTDAPKTHMTHHAVSDHEATLRCWALSFYPAEITLTWQRDGEDQTQDTELVETRPAGDGT
FQKWAAVVVPSGQEQRYTCHVQHEGLPKPLTLRWEP
;
A
2 'polypeptide(L)'
;MIQRTPKIQVYSRHPAENGKSNFLNCYVSGFHPSDIEVDLLKNGERIEKVEHSDLSFSKDWSFYLLYYTEFTPTEKDEYA
CRVNHVTLSQPKIVKWDRDM
;
B
3 'polypeptide(L)' ELAGIGALTV C
4 'polypeptide(L)'
;QKEVEQNSGPLSVPEGAIASLNCTYSFLGSQSFFWYRQYSGKSPELIMFTYREGDKEDGRFTAQLNKASQHVSLLIRDSQ
PSDSATYLCAVNDGGRLTFGDGTTLTVKPNIQNPDPAVYQLRDSKSSDKSVCLFTDFDSQTNVSQSKDSDVYITDKCVLD
MRSMDFKSNSAVAWSNKSDFACANAFNNSIIPEDTFF
;
D
5 'polypeptide(L)'
;MSQTIHQWPATLVQPVGSPLSLECTVEGTSNPNLYWYRQAAGRGPQLLFYWGPFGQISSEVPQNLSASRPQDRQFILSSK
KLLLSDSGFYLCAWSETGLGMGGWQFGEGSRLTVLEDLKNVFPPEVAVFEPSEAEISHTQKATLVCLATGFYPDHVELSW
WVNGKEVHSGVCTDPQPLKEQPALNDSRYALSSRLRVSATFWQDPRNHFRCQVQFYGLSENDEWTQDRAKPVTQIVSAEA
WGRAD
;
E
#
# COMPACT_ATOMS: atom_id res chain seq x y z
N GLY A 1 6.22 34.62 -4.23
CA GLY A 1 5.39 34.34 -5.42
C GLY A 1 4.82 32.95 -5.36
N SER A 2 3.98 32.63 -6.32
CA SER A 2 3.34 31.32 -6.38
C SER A 2 4.36 30.19 -6.61
N HIS A 3 3.97 28.97 -6.26
CA HIS A 3 4.80 27.82 -6.47
C HIS A 3 3.91 26.66 -6.79
N SER A 4 4.50 25.58 -7.26
CA SER A 4 3.74 24.41 -7.57
C SER A 4 4.58 23.19 -7.59
N MET A 5 3.93 22.06 -7.55
CA MET A 5 4.57 20.80 -7.64
C MET A 5 3.82 20.01 -8.68
N ARG A 6 4.50 19.58 -9.73
CA ARG A 6 3.86 18.78 -10.78
C ARG A 6 4.52 17.42 -10.99
N TYR A 7 3.73 16.43 -11.34
CA TYR A 7 4.27 15.10 -11.71
C TYR A 7 3.81 14.74 -13.12
N PHE A 8 4.76 14.37 -13.98
CA PHE A 8 4.48 14.00 -15.36
C PHE A 8 4.81 12.52 -15.61
N PHE A 9 3.90 11.81 -16.25
CA PHE A 9 4.10 10.39 -16.55
C PHE A 9 3.86 10.13 -18.01
N THR A 10 4.78 9.40 -18.66
CA THR A 10 4.64 9.05 -20.10
C THR A 10 4.90 7.60 -20.29
N SER A 11 4.00 6.93 -20.97
CA SER A 11 4.17 5.54 -21.23
C SER A 11 3.91 5.27 -22.71
N VAL A 12 4.86 4.62 -23.38
CA VAL A 12 4.78 4.33 -24.82
C VAL A 12 4.91 2.84 -25.08
N SER A 13 3.94 2.25 -25.75
CA SER A 13 3.99 0.82 -26.06
C SER A 13 4.98 0.57 -27.16
N ARG A 14 5.52 -0.65 -27.21
CA ARG A 14 6.53 -1.06 -28.24
C ARG A 14 6.18 -2.42 -28.82
N PRO A 15 5.11 -2.52 -29.58
CA PRO A 15 4.75 -3.80 -30.16
C PRO A 15 5.96 -4.65 -30.56
N GLY A 16 6.08 -5.85 -30.00
CA GLY A 16 7.15 -6.77 -30.37
C GLY A 16 8.50 -6.58 -29.66
N ARG A 17 8.69 -5.44 -29.02
CA ARG A 17 9.93 -5.19 -28.31
C ARG A 17 9.71 -5.15 -26.82
N GLY A 18 8.97 -6.14 -26.32
CA GLY A 18 8.70 -6.28 -24.87
C GLY A 18 7.80 -5.22 -24.27
N GLU A 19 8.08 -4.89 -23.00
CA GLU A 19 7.27 -3.92 -22.22
C GLU A 19 7.40 -2.46 -22.73
N PRO A 20 6.45 -1.61 -22.34
CA PRO A 20 6.43 -0.21 -22.71
C PRO A 20 7.48 0.58 -22.03
N ARG A 21 7.82 1.72 -22.62
CA ARG A 21 8.83 2.59 -22.09
C ARG A 21 8.13 3.56 -21.18
N PHE A 22 8.56 3.61 -19.92
CA PHE A 22 7.91 4.48 -18.93
C PHE A 22 8.86 5.46 -18.34
N ILE A 23 8.46 6.73 -18.39
CA ILE A 23 9.27 7.80 -17.86
C ILE A 23 8.43 8.67 -17.02
N ALA A 24 8.82 8.82 -15.76
CA ALA A 24 8.07 9.67 -14.79
C ALA A 24 9.03 10.72 -14.28
N VAL A 25 8.55 11.93 -14.15
CA VAL A 25 9.41 13.00 -13.73
C VAL A 25 8.68 13.88 -12.80
N GLY A 26 9.41 14.54 -11.90
CA GLY A 26 8.79 15.42 -10.90
C GLY A 26 9.44 16.79 -10.84
N TYR A 27 8.61 17.82 -10.72
CA TYR A 27 9.09 19.17 -10.66
C TYR A 27 8.50 19.96 -9.50
N VAL A 28 9.31 20.88 -8.99
CA VAL A 28 8.87 21.87 -8.06
C VAL A 28 9.17 23.15 -8.84
N ASP A 29 8.12 23.93 -9.14
CA ASP A 29 8.28 25.15 -10.00
C ASP A 29 8.97 24.73 -11.31
N ASP A 30 10.08 25.33 -11.64
CA ASP A 30 10.75 24.97 -12.89
C ASP A 30 12.00 24.11 -12.62
N THR A 31 11.96 23.32 -11.56
CA THR A 31 13.08 22.50 -11.21
C THR A 31 12.70 21.02 -11.10
N GLN A 32 13.32 20.20 -11.92
CA GLN A 32 13.10 18.77 -11.88
C GLN A 32 13.79 18.27 -10.63
N PHE A 33 13.11 17.47 -9.84
CA PHE A 33 13.74 16.98 -8.60
C PHE A 33 13.75 15.44 -8.48
N VAL A 34 12.99 14.75 -9.31
CA VAL A 34 12.99 13.28 -9.30
C VAL A 34 12.78 12.72 -10.65
N ARG A 35 13.10 11.46 -10.79
CA ARG A 35 13.03 10.81 -12.05
C ARG A 35 12.97 9.30 -11.95
N PHE A 36 12.26 8.71 -12.89
CA PHE A 36 12.22 7.27 -13.02
C PHE A 36 12.11 6.94 -14.51
N ASP A 37 12.95 6.02 -14.95
CA ASP A 37 12.96 5.59 -16.33
C ASP A 37 13.00 4.07 -16.35
N SER A 38 11.92 3.45 -16.81
CA SER A 38 11.81 1.97 -16.85
C SER A 38 13.03 1.30 -17.46
N ASP A 39 13.71 2.00 -18.37
CA ASP A 39 14.89 1.42 -19.05
C ASP A 39 16.20 1.63 -18.30
N ALA A 40 16.20 2.51 -17.30
CA ALA A 40 17.41 2.76 -16.51
C ALA A 40 17.80 1.49 -15.71
N ALA A 41 19.07 1.39 -15.34
CA ALA A 41 19.54 0.21 -14.62
C ALA A 41 19.13 0.21 -13.13
N SER A 42 19.07 1.38 -12.52
CA SER A 42 18.77 1.47 -11.09
C SER A 42 17.43 0.87 -10.71
N GLN A 43 16.42 1.07 -11.55
CA GLN A 43 15.03 0.63 -11.25
C GLN A 43 14.57 1.25 -9.91
N ARG A 44 15.00 2.49 -9.68
CA ARG A 44 14.67 3.25 -8.48
C ARG A 44 14.26 4.65 -8.89
N MET A 45 13.48 5.33 -8.04
CA MET A 45 13.17 6.73 -8.26
C MET A 45 14.51 7.45 -7.91
N GLU A 46 15.06 8.23 -8.83
CA GLU A 46 16.37 8.89 -8.57
C GLU A 46 16.23 10.39 -8.32
N PRO A 47 17.09 10.93 -7.46
CA PRO A 47 17.08 12.36 -7.19
C PRO A 47 17.71 13.17 -8.34
N ARG A 48 17.22 14.38 -8.59
CA ARG A 48 17.77 15.25 -9.67
C ARG A 48 18.02 16.65 -9.14
N ALA A 49 17.92 16.80 -7.83
CA ALA A 49 18.14 18.08 -7.17
C ALA A 49 18.70 17.81 -5.75
N PRO A 50 19.87 18.41 -5.42
CA PRO A 50 20.56 18.21 -4.12
C PRO A 50 19.64 18.06 -2.92
N TRP A 51 18.77 19.03 -2.71
CA TRP A 51 17.87 19.05 -1.53
C TRP A 51 16.97 17.83 -1.31
N ILE A 52 16.63 17.11 -2.35
CA ILE A 52 15.76 15.93 -2.21
C ILE A 52 16.56 14.73 -1.76
N GLU A 53 17.86 14.77 -2.02
CA GLU A 53 18.76 13.68 -1.64
C GLU A 53 18.83 13.47 -0.14
N GLN A 54 18.47 14.48 0.63
CA GLN A 54 18.52 14.37 2.09
C GLN A 54 17.34 13.54 2.65
N GLU A 55 16.38 13.20 1.83
CA GLU A 55 15.31 12.37 2.28
C GLU A 55 15.86 10.97 2.58
N GLY A 56 15.35 10.35 3.64
CA GLY A 56 15.82 9.04 4.05
C GLY A 56 15.40 7.89 3.14
N PRO A 57 15.93 6.72 3.40
CA PRO A 57 15.67 5.52 2.65
C PRO A 57 14.20 5.13 2.57
N GLU A 58 13.42 5.41 3.62
CA GLU A 58 12.00 5.05 3.63
C GLU A 58 11.21 5.85 2.57
N TYR A 59 11.62 7.09 2.37
CA TYR A 59 11.00 7.94 1.40
C TYR A 59 11.29 7.37 0.01
N TRP A 60 12.56 7.11 -0.28
CA TRP A 60 12.94 6.59 -1.58
C TRP A 60 12.30 5.26 -1.91
N ASP A 61 12.20 4.38 -0.92
CA ASP A 61 11.58 3.12 -1.12
C ASP A 61 10.12 3.27 -1.49
N GLY A 62 9.43 4.18 -0.82
CA GLY A 62 8.04 4.38 -1.08
C GLY A 62 7.78 5.00 -2.47
N GLU A 63 8.59 6.00 -2.82
CA GLU A 63 8.43 6.65 -4.11
C GLU A 63 8.68 5.66 -5.21
N THR A 64 9.68 4.76 -5.00
CA THR A 64 9.99 3.78 -5.97
C THR A 64 8.82 2.78 -6.12
N ARG A 65 8.24 2.32 -5.01
CA ARG A 65 7.09 1.40 -5.12
C ARG A 65 5.93 2.09 -5.81
N LYS A 66 5.69 3.33 -5.47
CA LYS A 66 4.58 4.05 -6.07
C LYS A 66 4.78 4.30 -7.55
N VAL A 67 5.95 4.78 -7.95
CA VAL A 67 6.16 5.05 -9.36
C VAL A 67 6.05 3.73 -10.19
N LYS A 68 6.56 2.63 -9.64
CA LYS A 68 6.46 1.35 -10.33
C LYS A 68 5.00 0.92 -10.44
N ALA A 69 4.20 1.19 -9.41
CA ALA A 69 2.74 0.85 -9.49
C ALA A 69 2.13 1.60 -10.69
N HIS A 70 2.47 2.91 -10.82
CA HIS A 70 1.99 3.74 -11.93
C HIS A 70 2.41 3.15 -13.23
N SER A 71 3.63 2.71 -13.29
CA SER A 71 4.17 2.12 -14.51
C SER A 71 3.33 0.98 -14.95
N GLN A 72 3.12 0.03 -14.04
CA GLN A 72 2.34 -1.15 -14.36
C GLN A 72 0.88 -0.82 -14.64
N THR A 73 0.33 0.12 -13.91
CA THR A 73 -1.06 0.47 -14.13
C THR A 73 -1.25 1.07 -15.55
N HIS A 74 -0.33 1.95 -15.95
CA HIS A 74 -0.32 2.49 -17.32
C HIS A 74 -0.15 1.35 -18.36
N ARG A 75 0.57 0.29 -18.00
CA ARG A 75 0.73 -0.79 -18.96
C ARG A 75 -0.64 -1.41 -19.20
N VAL A 76 -1.44 -1.53 -18.15
CA VAL A 76 -2.76 -2.10 -18.29
C VAL A 76 -3.60 -1.16 -19.13
N ASP A 77 -3.58 0.12 -18.78
CA ASP A 77 -4.34 1.15 -19.53
C ASP A 77 -4.08 1.08 -21.03
N LEU A 78 -2.84 0.86 -21.43
CA LEU A 78 -2.53 0.75 -22.89
C LEU A 78 -3.34 -0.37 -23.54
N GLY A 79 -3.46 -1.49 -22.89
CA GLY A 79 -4.21 -2.60 -23.41
C GLY A 79 -5.71 -2.32 -23.44
N THR A 80 -6.25 -1.73 -22.38
CA THR A 80 -7.66 -1.44 -22.33
C THR A 80 -8.04 -0.42 -23.43
N LEU A 81 -7.22 0.61 -23.59
CA LEU A 81 -7.47 1.65 -24.56
C LEU A 81 -7.51 1.14 -26.02
N ARG A 82 -6.64 0.18 -26.37
CA ARG A 82 -6.70 -0.41 -27.73
C ARG A 82 -8.08 -0.98 -27.93
N GLY A 83 -8.57 -1.63 -26.88
CA GLY A 83 -9.89 -2.23 -26.91
C GLY A 83 -10.99 -1.20 -27.12
N TYR A 84 -10.95 -0.11 -26.36
CA TYR A 84 -11.97 0.91 -26.50
C TYR A 84 -11.96 1.58 -27.86
N TYR A 85 -10.77 1.74 -28.43
CA TYR A 85 -10.62 2.38 -29.72
C TYR A 85 -10.45 1.39 -30.83
N ASN A 86 -10.79 0.14 -30.55
CA ASN A 86 -10.77 -0.93 -31.55
C ASN A 86 -9.51 -0.84 -32.47
N GLN A 87 -8.33 -0.80 -31.85
CA GLN A 87 -7.06 -0.70 -32.58
C GLN A 87 -6.32 -2.07 -32.53
N SER A 88 -5.54 -2.34 -33.58
CA SER A 88 -4.80 -3.60 -33.67
C SER A 88 -3.69 -3.62 -32.67
N GLU A 89 -3.14 -4.82 -32.42
CA GLU A 89 -2.06 -5.00 -31.47
C GLU A 89 -0.71 -4.50 -32.03
N ALA A 90 -0.71 -4.11 -33.31
CA ALA A 90 0.49 -3.54 -33.93
C ALA A 90 0.43 -2.02 -33.71
N GLY A 91 1.51 -1.34 -33.99
CA GLY A 91 1.53 0.11 -33.81
C GLY A 91 1.73 0.54 -32.37
N SER A 92 2.50 1.61 -32.19
CA SER A 92 2.84 2.16 -30.88
C SER A 92 1.84 3.25 -30.43
N HIS A 93 1.46 3.23 -29.16
CA HIS A 93 0.53 4.23 -28.64
C HIS A 93 1.09 4.87 -27.38
N THR A 94 0.61 6.05 -27.04
CA THR A 94 1.10 6.77 -25.89
C THR A 94 0.03 7.13 -24.88
N VAL A 95 0.38 6.98 -23.62
CA VAL A 95 -0.47 7.34 -22.52
C VAL A 95 0.30 8.33 -21.67
N GLN A 96 -0.35 9.42 -21.30
CA GLN A 96 0.27 10.48 -20.50
C GLN A 96 -0.63 10.87 -19.39
N ARG A 97 -0.04 11.17 -18.25
CA ARG A 97 -0.78 11.58 -17.08
C ARG A 97 0.01 12.73 -16.41
N MET A 98 -0.70 13.65 -15.79
CA MET A 98 -0.05 14.78 -15.12
C MET A 98 -0.91 15.26 -14.05
N TYR A 99 -0.30 15.60 -12.93
CA TYR A 99 -1.03 16.16 -11.82
C TYR A 99 -0.16 16.97 -10.94
N GLY A 100 -0.77 17.83 -10.18
CA GLY A 100 -0.05 18.70 -9.28
C GLY A 100 -0.95 19.73 -8.62
N CYS A 101 -0.35 20.58 -7.81
CA CYS A 101 -1.07 21.59 -7.07
C CYS A 101 -0.35 22.92 -7.13
N ASP A 102 -1.11 23.99 -7.02
CA ASP A 102 -0.55 25.34 -7.04
C ASP A 102 -0.81 26.01 -5.70
N VAL A 103 0.14 26.87 -5.30
CA VAL A 103 0.02 27.65 -4.06
C VAL A 103 0.49 29.07 -4.35
N GLY A 104 -0.11 30.04 -3.67
CA GLY A 104 0.22 31.46 -3.85
C GLY A 104 1.34 31.95 -2.94
N SER A 105 1.40 33.27 -2.72
CA SER A 105 2.44 33.88 -1.86
C SER A 105 2.34 33.45 -0.42
N ASP A 106 1.14 33.11 0.01
CA ASP A 106 0.91 32.66 1.37
C ASP A 106 1.10 31.12 1.51
N TRP A 107 1.56 30.48 0.44
CA TRP A 107 1.78 29.02 0.44
C TRP A 107 0.51 28.28 0.74
N ARG A 108 -0.62 28.92 0.47
CA ARG A 108 -1.88 28.30 0.67
C ARG A 108 -2.41 27.81 -0.69
N PHE A 109 -3.14 26.71 -0.65
CA PHE A 109 -3.70 26.06 -1.85
C PHE A 109 -4.46 27.04 -2.78
N LEU A 110 -4.19 26.92 -4.09
CA LEU A 110 -4.88 27.74 -5.12
C LEU A 110 -5.71 26.86 -6.05
N ARG A 111 -5.14 25.73 -6.47
CA ARG A 111 -5.83 24.82 -7.36
C ARG A 111 -5.03 23.59 -7.61
N GLY A 112 -5.73 22.52 -7.99
CA GLY A 112 -5.13 21.27 -8.27
C GLY A 112 -5.61 20.73 -9.59
N TYR A 113 -4.82 19.87 -10.21
CA TYR A 113 -5.17 19.32 -11.50
C TYR A 113 -4.71 17.91 -11.61
N HIS A 114 -5.33 17.20 -12.52
CA HIS A 114 -5.03 15.82 -12.74
C HIS A 114 -5.61 15.42 -14.08
N GLN A 115 -4.76 15.33 -15.07
CA GLN A 115 -5.20 15.05 -16.42
C GLN A 115 -4.60 13.82 -16.99
N TYR A 116 -5.28 13.26 -17.99
CA TYR A 116 -4.88 12.02 -18.62
C TYR A 116 -5.08 12.13 -20.16
N ALA A 117 -4.05 11.78 -20.93
CA ALA A 117 -4.16 11.87 -22.44
C ALA A 117 -3.80 10.57 -23.10
N TYR A 118 -4.35 10.34 -24.30
CA TYR A 118 -4.04 9.11 -25.09
C TYR A 118 -3.72 9.54 -26.53
N ASP A 119 -2.66 8.99 -27.09
CA ASP A 119 -2.22 9.36 -28.43
C ASP A 119 -2.19 10.86 -28.65
N GLY A 120 -1.78 11.60 -27.61
CA GLY A 120 -1.64 13.08 -27.69
C GLY A 120 -2.91 13.90 -27.57
N LYS A 121 -4.02 13.25 -27.24
CA LYS A 121 -5.30 13.93 -27.10
C LYS A 121 -5.87 13.78 -25.72
N ASP A 122 -6.58 14.81 -25.26
CA ASP A 122 -7.25 14.75 -23.99
C ASP A 122 -8.09 13.51 -23.95
N TYR A 123 -8.06 12.82 -22.82
CA TYR A 123 -8.87 11.63 -22.63
C TYR A 123 -9.87 11.86 -21.42
N ILE A 124 -9.32 12.16 -20.24
CA ILE A 124 -10.14 12.44 -19.06
C ILE A 124 -9.38 13.39 -18.17
N ALA A 125 -10.08 14.39 -17.64
CA ALA A 125 -9.48 15.37 -16.81
C ALA A 125 -10.42 15.79 -15.72
N LEU A 126 -9.84 15.99 -14.54
CA LEU A 126 -10.59 16.43 -13.38
C LEU A 126 -10.84 17.96 -13.53
N LYS A 127 -12.10 18.38 -13.47
CA LYS A 127 -12.41 19.82 -13.58
C LYS A 127 -11.79 20.62 -12.40
N GLU A 128 -11.77 21.95 -12.51
CA GLU A 128 -11.16 22.81 -11.45
C GLU A 128 -11.83 22.54 -10.07
N ASP A 129 -13.14 22.28 -10.07
CA ASP A 129 -13.82 21.85 -8.86
C ASP A 129 -13.31 20.44 -8.84
N LEU A 130 -12.80 19.98 -7.74
CA LEU A 130 -12.18 18.65 -7.75
C LEU A 130 -13.17 17.52 -7.50
N ARG A 131 -14.28 17.53 -8.25
CA ARG A 131 -15.34 16.53 -8.11
C ARG A 131 -15.81 16.00 -9.45
N SER A 132 -15.89 16.89 -10.44
CA SER A 132 -16.40 16.54 -11.77
C SER A 132 -15.31 16.10 -12.74
N TRP A 133 -15.72 15.28 -13.72
CA TRP A 133 -14.81 14.76 -14.73
C TRP A 133 -15.21 15.21 -16.13
N THR A 134 -14.23 15.61 -16.94
CA THR A 134 -14.49 15.99 -18.33
C THR A 134 -14.11 14.82 -19.19
N ALA A 135 -15.09 14.16 -19.78
CA ALA A 135 -14.84 12.98 -20.61
C ALA A 135 -14.89 13.33 -22.07
N ALA A 136 -13.75 13.20 -22.72
CA ALA A 136 -13.63 13.50 -24.15
C ALA A 136 -14.79 12.89 -25.04
N ASP A 137 -14.84 11.55 -25.12
CA ASP A 137 -15.80 10.81 -25.98
C ASP A 137 -16.44 9.60 -25.26
N MET A 138 -16.99 8.66 -26.03
CA MET A 138 -17.66 7.47 -25.46
C MET A 138 -16.70 6.58 -24.66
N ALA A 139 -15.51 6.37 -25.18
CA ALA A 139 -14.53 5.54 -24.46
C ALA A 139 -14.24 6.14 -23.07
N ALA A 140 -14.06 7.45 -23.03
CA ALA A 140 -13.77 8.13 -21.81
C ALA A 140 -14.99 8.15 -20.84
N GLN A 141 -16.21 7.99 -21.37
CA GLN A 141 -17.38 7.94 -20.50
C GLN A 141 -17.33 6.65 -19.69
N THR A 142 -16.78 5.59 -20.27
CA THR A 142 -16.68 4.32 -19.59
C THR A 142 -15.70 4.44 -18.42
N THR A 143 -14.60 5.14 -18.64
CA THR A 143 -13.66 5.38 -17.58
C THR A 143 -14.34 6.25 -16.51
N LYS A 144 -14.87 7.38 -16.96
CA LYS A 144 -15.58 8.29 -16.10
C LYS A 144 -16.50 7.53 -15.14
N HIS A 145 -17.37 6.67 -15.68
CA HIS A 145 -18.29 5.92 -14.82
C HIS A 145 -17.58 5.02 -13.79
N LYS A 146 -16.52 4.35 -14.21
CA LYS A 146 -15.78 3.48 -13.31
C LYS A 146 -15.11 4.30 -12.17
N TRP A 147 -14.54 5.46 -12.53
CA TRP A 147 -13.86 6.35 -11.58
C TRP A 147 -14.84 7.07 -10.66
N GLU A 148 -16.04 7.31 -11.15
CA GLU A 148 -17.07 7.95 -10.33
C GLU A 148 -17.60 6.95 -9.31
N ALA A 149 -17.61 5.68 -9.70
CA ALA A 149 -18.09 4.61 -8.83
C ALA A 149 -17.09 4.34 -7.71
N ALA A 150 -15.82 4.57 -7.99
CA ALA A 150 -14.76 4.32 -7.05
C ALA A 150 -14.37 5.60 -6.29
N HIS A 151 -15.00 6.70 -6.63
CA HIS A 151 -14.73 7.95 -5.99
C HIS A 151 -13.33 8.36 -6.11
N VAL A 152 -12.77 8.23 -7.31
CA VAL A 152 -11.41 8.65 -7.56
C VAL A 152 -11.29 10.14 -7.32
N ALA A 153 -12.30 10.90 -7.73
CA ALA A 153 -12.28 12.35 -7.58
C ALA A 153 -12.00 12.78 -6.13
N GLU A 154 -12.74 12.24 -5.18
CA GLU A 154 -12.51 12.63 -3.77
C GLU A 154 -11.17 12.15 -3.20
N GLN A 155 -10.61 11.04 -3.74
CA GLN A 155 -9.28 10.58 -3.31
C GLN A 155 -8.27 11.60 -3.83
N LEU A 156 -8.40 11.94 -5.11
CA LEU A 156 -7.56 12.93 -5.72
C LEU A 156 -7.69 14.27 -4.97
N ARG A 157 -8.92 14.66 -4.61
CA ARG A 157 -9.11 15.91 -3.84
C ARG A 157 -8.25 15.85 -2.57
N ALA A 158 -8.39 14.75 -1.81
CA ALA A 158 -7.64 14.57 -0.55
C ALA A 158 -6.14 14.77 -0.75
N TYR A 159 -5.62 14.31 -1.87
CA TYR A 159 -4.20 14.43 -2.16
C TYR A 159 -3.82 15.87 -2.54
N LEU A 160 -4.42 16.34 -3.63
CA LEU A 160 -4.14 17.64 -4.17
C LEU A 160 -4.34 18.81 -3.19
N GLU A 161 -5.43 18.80 -2.45
CA GLU A 161 -5.75 19.89 -1.48
C GLU A 161 -4.96 19.72 -0.17
N GLY A 162 -4.47 18.51 0.09
CA GLY A 162 -3.75 18.23 1.34
C GLY A 162 -2.28 17.81 1.17
N THR A 163 -2.07 16.52 0.91
CA THR A 163 -0.73 15.99 0.82
C THR A 163 0.16 16.77 -0.13
N CYS A 164 -0.33 17.04 -1.34
CA CYS A 164 0.48 17.77 -2.36
C CYS A 164 0.99 19.11 -1.83
N VAL A 165 0.13 19.89 -1.21
CA VAL A 165 0.54 21.18 -0.67
C VAL A 165 1.47 21.01 0.54
N GLU A 166 1.15 20.07 1.41
CA GLU A 166 1.97 19.84 2.59
C GLU A 166 3.42 19.55 2.19
N TRP A 167 3.60 18.73 1.16
CA TRP A 167 4.93 18.38 0.71
C TRP A 167 5.56 19.47 -0.07
N LEU A 168 4.76 20.16 -0.86
CA LEU A 168 5.27 21.29 -1.61
C LEU A 168 5.88 22.24 -0.61
N ARG A 169 5.17 22.49 0.49
CA ARG A 169 5.68 23.40 1.55
C ARG A 169 6.92 22.85 2.27
N ARG A 170 7.05 21.53 2.30
CA ARG A 170 8.21 20.92 2.94
C ARG A 170 9.40 21.04 2.02
N TYR A 171 9.19 20.78 0.74
CA TYR A 171 10.28 20.87 -0.24
C TYR A 171 10.80 22.31 -0.39
N LEU A 172 9.91 23.29 -0.27
CA LEU A 172 10.30 24.68 -0.42
C LEU A 172 11.20 25.14 0.74
N GLU A 173 10.97 24.59 1.93
CA GLU A 173 11.76 24.95 3.08
C GLU A 173 13.12 24.24 3.02
N ASN A 174 13.08 22.94 2.78
CA ASN A 174 14.29 22.16 2.70
C ASN A 174 15.15 22.61 1.50
N GLY A 175 14.50 22.99 0.41
CA GLY A 175 15.19 23.47 -0.80
C GLY A 175 15.24 25.02 -0.84
N LYS A 176 15.35 25.63 0.34
CA LYS A 176 15.34 27.10 0.48
C LYS A 176 16.32 27.72 -0.50
N GLU A 177 17.60 27.38 -0.35
CA GLU A 177 18.69 27.96 -1.18
C GLU A 177 18.45 27.88 -2.70
N THR A 178 17.72 26.87 -3.15
CA THR A 178 17.48 26.68 -4.57
C THR A 178 16.11 27.18 -5.03
N LEU A 179 15.06 26.58 -4.49
CA LEU A 179 13.67 26.88 -4.89
C LEU A 179 13.21 28.32 -4.61
N GLN A 180 13.68 28.93 -3.52
CA GLN A 180 13.27 30.31 -3.17
C GLN A 180 14.27 31.35 -3.62
N ARG A 181 15.23 30.94 -4.45
CA ARG A 181 16.21 31.87 -4.93
C ARG A 181 15.55 32.61 -6.08
N THR A 182 16.13 33.71 -6.48
CA THR A 182 15.63 34.44 -7.61
C THR A 182 16.78 35.11 -8.33
N ASP A 183 17.22 34.49 -9.42
CA ASP A 183 18.35 35.00 -10.21
C ASP A 183 17.90 36.03 -11.23
N ALA A 184 18.29 37.28 -11.00
CA ALA A 184 17.98 38.35 -11.93
C ALA A 184 18.63 38.03 -13.27
N PRO A 185 17.94 38.35 -14.37
CA PRO A 185 18.47 38.09 -15.70
C PRO A 185 19.64 39.00 -16.10
N LYS A 186 20.65 38.41 -16.74
CA LYS A 186 21.77 39.16 -17.23
C LYS A 186 21.39 39.63 -18.63
N THR A 187 21.11 40.93 -18.76
CA THR A 187 20.71 41.50 -20.05
C THR A 187 21.89 41.64 -21.00
N HIS A 188 21.60 41.79 -22.29
CA HIS A 188 22.64 41.87 -23.33
C HIS A 188 22.13 42.68 -24.54
N MET A 189 23.05 43.05 -25.43
CA MET A 189 22.72 43.82 -26.67
C MET A 189 23.78 43.62 -27.76
N THR A 190 23.34 43.24 -28.96
CA THR A 190 24.27 43.02 -30.09
C THR A 190 23.60 43.39 -31.40
N HIS A 191 24.39 43.43 -32.47
CA HIS A 191 23.85 43.72 -33.80
C HIS A 191 24.88 43.41 -34.88
N HIS A 192 24.45 42.64 -35.88
CA HIS A 192 25.30 42.28 -37.00
C HIS A 192 24.74 42.97 -38.26
N ALA A 193 25.46 43.99 -38.74
CA ALA A 193 25.02 44.75 -39.91
C ALA A 193 24.84 43.85 -41.14
N VAL A 194 23.98 44.30 -42.06
CA VAL A 194 23.72 43.55 -43.30
C VAL A 194 23.19 44.47 -44.43
N SER A 195 23.88 45.59 -44.66
CA SER A 195 23.52 46.58 -45.73
C SER A 195 23.29 48.03 -45.21
N ASP A 196 23.21 48.18 -43.89
CA ASP A 196 23.00 49.52 -43.26
C ASP A 196 21.50 49.87 -43.12
N HIS A 197 20.85 50.14 -44.25
CA HIS A 197 19.42 50.52 -44.27
C HIS A 197 18.44 49.45 -43.71
N GLU A 198 18.99 48.32 -43.23
CA GLU A 198 18.15 47.25 -42.63
C GLU A 198 18.94 46.09 -41.95
N ALA A 199 19.66 46.43 -40.87
CA ALA A 199 20.45 45.43 -40.10
C ALA A 199 19.59 44.85 -38.96
N THR A 200 20.23 44.23 -37.98
CA THR A 200 19.49 43.63 -36.84
C THR A 200 20.12 43.99 -35.51
N LEU A 201 19.29 44.17 -34.48
CA LEU A 201 19.77 44.48 -33.13
C LEU A 201 19.15 43.46 -32.16
N ARG A 202 20.00 42.76 -31.42
CA ARG A 202 19.53 41.70 -30.50
C ARG A 202 19.32 42.20 -29.06
N CYS A 203 18.33 41.59 -28.36
CA CYS A 203 18.01 41.92 -26.94
C CYS A 203 17.88 40.62 -26.17
N TRP A 204 18.91 40.26 -25.40
CA TRP A 204 18.92 39.01 -24.67
C TRP A 204 18.46 39.09 -23.20
N ALA A 205 18.28 37.90 -22.61
CA ALA A 205 17.93 37.73 -21.19
C ALA A 205 18.49 36.37 -20.82
N LEU A 206 19.64 36.37 -20.13
CA LEU A 206 20.33 35.10 -19.79
C LEU A 206 20.44 34.81 -18.28
N SER A 207 20.68 33.54 -17.96
CA SER A 207 20.88 33.08 -16.54
C SER A 207 19.85 33.57 -15.56
N PHE A 208 18.57 33.44 -15.89
CA PHE A 208 17.54 33.90 -14.96
C PHE A 208 16.68 32.78 -14.44
N TYR A 209 16.12 32.99 -13.25
CA TYR A 209 15.23 32.01 -12.64
C TYR A 209 14.28 32.77 -11.69
N PRO A 210 12.99 32.37 -11.67
CA PRO A 210 12.38 31.28 -12.45
C PRO A 210 12.15 31.66 -13.92
N ALA A 211 11.72 30.68 -14.72
CA ALA A 211 11.49 30.86 -16.15
C ALA A 211 10.60 32.05 -16.48
N GLU A 212 9.58 32.27 -15.64
CA GLU A 212 8.64 33.37 -15.86
C GLU A 212 9.38 34.66 -16.11
N ILE A 213 9.10 35.29 -17.22
CA ILE A 213 9.74 36.54 -17.57
C ILE A 213 8.85 37.26 -18.57
N THR A 214 9.00 38.56 -18.65
CA THR A 214 8.22 39.33 -19.58
C THR A 214 9.04 40.49 -20.12
N LEU A 215 9.57 40.32 -21.32
CA LEU A 215 10.33 41.37 -21.94
C LEU A 215 9.50 41.94 -23.12
N THR A 216 9.15 43.22 -23.02
CA THR A 216 8.34 43.87 -24.05
C THR A 216 9.10 45.01 -24.72
N TRP A 217 8.52 45.55 -25.78
CA TRP A 217 9.12 46.66 -26.53
C TRP A 217 8.26 47.92 -26.60
N GLN A 218 8.91 49.06 -26.37
CA GLN A 218 8.29 50.37 -26.45
C GLN A 218 9.20 51.22 -27.33
N ARG A 219 8.65 52.21 -28.01
CA ARG A 219 9.45 53.04 -28.93
C ARG A 219 8.93 54.48 -29.03
N ASP A 220 9.83 55.40 -29.39
CA ASP A 220 9.51 56.86 -29.52
C ASP A 220 8.63 57.40 -28.37
N GLY A 221 8.87 56.89 -27.17
CA GLY A 221 8.10 57.31 -25.99
C GLY A 221 6.64 56.88 -26.06
N GLU A 222 6.41 55.68 -26.58
CA GLU A 222 5.05 55.13 -26.70
C GLU A 222 5.19 53.61 -26.49
N ASP A 223 4.22 52.80 -26.95
CA ASP A 223 4.30 51.33 -26.78
C ASP A 223 3.39 50.53 -27.76
N GLN A 224 3.91 49.38 -28.22
CA GLN A 224 3.18 48.49 -29.15
C GLN A 224 3.56 47.04 -28.89
N THR A 225 2.83 46.11 -29.49
CA THR A 225 3.09 44.66 -29.32
C THR A 225 2.34 43.83 -30.37
N GLN A 226 2.80 43.87 -31.62
CA GLN A 226 2.14 43.13 -32.72
C GLN A 226 3.14 42.51 -33.74
N ASP A 227 4.25 43.20 -33.98
CA ASP A 227 5.24 42.74 -34.99
C ASP A 227 6.45 41.94 -34.43
N THR A 228 7.28 42.59 -33.61
CA THR A 228 8.50 41.94 -33.02
C THR A 228 8.33 40.43 -32.78
N GLU A 229 9.31 39.65 -33.26
CA GLU A 229 9.29 38.18 -33.12
C GLU A 229 10.22 37.73 -31.97
N LEU A 230 9.67 36.97 -31.03
CA LEU A 230 10.44 36.50 -29.88
C LEU A 230 10.48 34.97 -29.84
N VAL A 231 11.42 34.42 -29.08
CA VAL A 231 11.57 32.99 -28.97
C VAL A 231 11.03 32.48 -27.65
N GLU A 232 10.64 31.22 -27.64
CA GLU A 232 10.14 30.58 -26.44
C GLU A 232 11.28 30.46 -25.44
N THR A 233 10.99 30.70 -24.17
CA THR A 233 11.99 30.58 -23.12
C THR A 233 12.66 29.21 -23.22
N ARG A 234 13.99 29.18 -23.24
CA ARG A 234 14.72 27.93 -23.38
C ARG A 234 15.62 27.67 -22.21
N PRO A 235 15.84 26.40 -21.91
CA PRO A 235 16.70 26.04 -20.81
C PRO A 235 18.19 26.13 -21.13
N ALA A 236 18.96 26.77 -20.25
CA ALA A 236 20.43 26.87 -20.42
C ALA A 236 21.08 25.49 -20.16
N GLY A 237 20.45 24.70 -19.29
CA GLY A 237 20.95 23.35 -18.95
C GLY A 237 21.65 23.31 -17.61
N ASP A 238 21.76 24.48 -16.96
CA ASP A 238 22.41 24.58 -15.65
C ASP A 238 21.42 25.06 -14.57
N GLY A 239 20.14 24.99 -14.88
CA GLY A 239 19.12 25.42 -13.94
C GLY A 239 18.44 26.73 -14.33
N THR A 240 19.20 27.63 -14.94
CA THR A 240 18.66 28.93 -15.33
C THR A 240 18.01 28.89 -16.75
N PHE A 241 17.41 30.00 -17.16
CA PHE A 241 16.74 30.07 -18.46
C PHE A 241 17.21 31.27 -19.30
N GLN A 242 16.92 31.20 -20.61
CA GLN A 242 17.31 32.26 -21.57
C GLN A 242 16.12 32.64 -22.46
N LYS A 243 16.08 33.91 -22.89
CA LYS A 243 15.01 34.40 -23.77
C LYS A 243 15.41 35.69 -24.46
N TRP A 244 15.11 35.80 -25.76
CA TRP A 244 15.44 37.02 -26.50
C TRP A 244 14.35 37.48 -27.45
N ALA A 245 14.24 38.80 -27.56
CA ALA A 245 13.29 39.46 -28.46
C ALA A 245 14.09 40.45 -29.31
N ALA A 246 14.35 40.06 -30.57
CA ALA A 246 15.15 40.89 -31.49
C ALA A 246 14.35 42.03 -32.10
N VAL A 247 15.05 43.11 -32.49
CA VAL A 247 14.41 44.29 -33.12
C VAL A 247 14.48 44.19 -34.64
N VAL A 248 13.34 43.87 -35.25
CA VAL A 248 13.24 43.74 -36.70
C VAL A 248 12.71 45.03 -37.33
N VAL A 249 13.09 46.18 -36.74
CA VAL A 249 12.65 47.48 -37.25
C VAL A 249 13.86 48.38 -37.62
N PRO A 250 14.96 47.77 -38.14
CA PRO A 250 16.14 48.52 -38.52
C PRO A 250 15.85 49.66 -39.47
N SER A 251 16.29 50.85 -39.10
CA SER A 251 16.11 52.04 -39.89
C SER A 251 17.42 52.79 -39.86
N GLY A 252 18.42 52.26 -40.56
CA GLY A 252 19.74 52.87 -40.58
C GLY A 252 20.19 53.06 -39.15
N GLN A 253 19.96 54.27 -38.64
CA GLN A 253 20.28 54.56 -37.26
C GLN A 253 19.11 54.24 -36.38
N GLU A 254 19.17 53.06 -35.80
CA GLU A 254 18.14 52.57 -34.90
C GLU A 254 17.56 53.71 -34.06
N GLN A 255 16.28 54.00 -34.26
CA GLN A 255 15.61 55.06 -33.53
C GLN A 255 15.66 54.78 -32.03
N ARG A 256 15.21 55.76 -31.24
CA ARG A 256 15.23 55.64 -29.80
C ARG A 256 14.19 54.64 -29.27
N TYR A 257 14.68 53.64 -28.54
CA TYR A 257 13.82 52.60 -27.91
C TYR A 257 14.67 51.68 -27.04
N THR A 258 14.02 50.96 -26.13
CA THR A 258 14.71 50.06 -25.21
C THR A 258 13.79 48.92 -24.71
N CYS A 259 14.39 47.75 -24.38
CA CYS A 259 13.62 46.61 -23.84
C CYS A 259 13.12 46.90 -22.44
N HIS A 260 11.92 46.45 -22.14
CA HIS A 260 11.33 46.62 -20.82
C HIS A 260 11.23 45.26 -20.16
N VAL A 261 12.29 44.89 -19.46
CA VAL A 261 12.35 43.60 -18.80
C VAL A 261 11.57 43.59 -17.49
N GLN A 262 10.69 42.61 -17.36
CA GLN A 262 9.85 42.45 -16.19
C GLN A 262 10.08 41.04 -15.65
N HIS A 263 10.62 40.94 -14.45
CA HIS A 263 10.92 39.64 -13.87
C HIS A 263 11.11 39.71 -12.38
N GLU A 264 10.44 38.80 -11.67
CA GLU A 264 10.57 38.75 -10.23
C GLU A 264 12.03 38.89 -9.83
N GLY A 265 12.27 39.51 -8.70
CA GLY A 265 13.61 39.71 -8.22
C GLY A 265 14.15 41.07 -8.61
N LEU A 266 14.19 41.35 -9.92
CA LEU A 266 14.73 42.64 -10.40
C LEU A 266 14.02 43.76 -9.66
N PRO A 267 14.76 44.51 -8.82
CA PRO A 267 14.13 45.60 -8.11
C PRO A 267 13.12 46.34 -8.99
N LYS A 268 13.62 47.10 -9.96
CA LYS A 268 12.77 47.84 -10.88
C LYS A 268 12.94 47.25 -12.27
N PRO A 269 11.88 47.32 -13.09
CA PRO A 269 11.99 46.80 -14.45
C PRO A 269 13.23 47.38 -15.17
N LEU A 270 14.11 46.50 -15.62
CA LEU A 270 15.36 46.90 -16.28
C LEU A 270 15.08 47.39 -17.71
N THR A 271 15.97 48.24 -18.22
CA THR A 271 15.83 48.79 -19.58
C THR A 271 17.24 49.02 -20.21
N LEU A 272 17.51 48.33 -21.33
CA LEU A 272 18.83 48.43 -22.02
C LEU A 272 18.79 49.35 -23.22
N ARG A 273 19.61 50.39 -23.18
CA ARG A 273 19.72 51.34 -24.27
C ARG A 273 20.77 50.82 -25.24
N TRP A 274 20.66 51.16 -26.50
CA TRP A 274 21.68 50.76 -27.45
C TRP A 274 22.61 51.92 -27.74
N GLU A 275 23.89 51.73 -27.44
CA GLU A 275 24.87 52.75 -27.69
C GLU A 275 26.26 52.11 -27.78
N PRO A 276 27.01 52.44 -28.86
CA PRO A 276 28.36 51.90 -29.06
C PRO A 276 29.35 52.35 -27.98
N MET B 1 -5.97 10.90 -31.83
CA MET B 1 -4.58 10.70 -32.32
C MET B 1 -4.08 12.01 -32.97
N ILE B 2 -2.93 12.48 -32.54
CA ILE B 2 -2.38 13.69 -33.06
C ILE B 2 -0.90 13.63 -33.12
N GLN B 3 -0.35 14.17 -34.18
CA GLN B 3 1.09 14.25 -34.35
C GLN B 3 1.45 15.69 -34.47
N ARG B 4 2.48 16.11 -33.76
CA ARG B 4 2.85 17.50 -33.77
C ARG B 4 4.30 17.63 -34.17
N THR B 5 4.57 18.52 -35.13
CA THR B 5 5.93 18.74 -35.62
C THR B 5 6.72 19.57 -34.62
N PRO B 6 8.00 19.25 -34.43
CA PRO B 6 8.84 19.90 -33.43
C PRO B 6 9.44 21.24 -33.81
N LYS B 7 9.62 22.11 -32.80
CA LYS B 7 10.28 23.40 -32.97
C LYS B 7 11.74 23.12 -32.57
N ILE B 8 12.68 23.76 -33.23
CA ILE B 8 14.09 23.48 -32.95
C ILE B 8 14.89 24.71 -32.74
N GLN B 9 15.69 24.69 -31.69
CA GLN B 9 16.62 25.77 -31.41
C GLN B 9 17.94 25.15 -31.04
N VAL B 10 19.01 25.70 -31.57
CA VAL B 10 20.35 25.24 -31.27
C VAL B 10 21.07 26.44 -30.72
N TYR B 11 21.76 26.27 -29.60
CA TYR B 11 22.44 27.38 -28.94
C TYR B 11 23.45 26.89 -27.91
N SER B 12 24.14 27.85 -27.29
CA SER B 12 25.13 27.55 -26.27
C SER B 12 24.62 27.97 -24.90
N ARG B 13 25.15 27.32 -23.86
CA ARG B 13 24.76 27.63 -22.48
C ARG B 13 25.25 29.04 -22.11
N HIS B 14 26.55 29.27 -22.24
CA HIS B 14 27.12 30.56 -21.93
C HIS B 14 27.52 31.24 -23.22
N PRO B 15 27.69 32.57 -23.18
CA PRO B 15 28.14 33.28 -24.38
C PRO B 15 29.50 32.72 -24.85
N ALA B 16 29.56 32.27 -26.10
CA ALA B 16 30.77 31.67 -26.66
C ALA B 16 31.97 32.63 -26.71
N GLU B 17 33.16 32.07 -26.51
CA GLU B 17 34.40 32.82 -26.60
C GLU B 17 35.45 31.84 -27.13
N ASN B 18 36.08 32.18 -28.26
CA ASN B 18 37.06 31.29 -28.88
C ASN B 18 38.12 30.81 -27.89
N GLY B 19 38.01 29.54 -27.50
CA GLY B 19 38.95 28.95 -26.54
C GLY B 19 38.44 29.08 -25.11
N LYS B 20 37.26 28.52 -24.86
CA LYS B 20 36.65 28.58 -23.52
C LYS B 20 35.52 27.53 -23.41
N SER B 21 35.71 26.55 -22.53
CA SER B 21 34.73 25.48 -22.35
C SER B 21 33.32 26.02 -22.29
N ASN B 22 32.40 25.30 -22.91
CA ASN B 22 31.03 25.70 -22.97
C ASN B 22 30.20 24.47 -23.40
N PHE B 23 28.89 24.62 -23.43
CA PHE B 23 28.03 23.52 -23.84
C PHE B 23 27.25 23.89 -25.09
N LEU B 24 27.00 22.90 -25.93
CA LEU B 24 26.22 23.08 -27.16
C LEU B 24 24.84 22.41 -26.97
N ASN B 25 23.80 23.24 -26.92
CA ASN B 25 22.45 22.75 -26.70
C ASN B 25 21.61 22.69 -27.95
N CYS B 26 20.69 21.75 -27.96
CA CYS B 26 19.72 21.63 -29.02
C CYS B 26 18.41 21.31 -28.33
N TYR B 27 17.52 22.29 -28.28
CA TYR B 27 16.25 22.15 -27.59
C TYR B 27 15.12 21.93 -28.57
N VAL B 28 14.53 20.73 -28.52
CA VAL B 28 13.39 20.38 -29.38
C VAL B 28 12.12 20.34 -28.53
N SER B 29 11.08 20.96 -29.01
CA SER B 29 9.85 21.03 -28.24
C SER B 29 8.60 21.02 -29.11
N GLY B 30 7.47 20.83 -28.44
CA GLY B 30 6.18 20.84 -29.08
C GLY B 30 5.93 19.72 -30.05
N PHE B 31 6.56 18.58 -29.82
CA PHE B 31 6.39 17.50 -30.74
C PHE B 31 5.66 16.32 -30.16
N HIS B 32 5.19 15.46 -31.04
CA HIS B 32 4.49 14.28 -30.65
C HIS B 32 4.37 13.38 -31.90
N PRO B 33 4.62 12.09 -31.78
CA PRO B 33 4.97 11.33 -30.62
C PRO B 33 6.37 11.58 -30.10
N SER B 34 6.73 10.90 -29.02
CA SER B 34 8.01 11.08 -28.32
C SER B 34 9.24 10.52 -29.00
N ASP B 35 9.07 9.55 -29.87
CA ASP B 35 10.25 8.96 -30.58
C ASP B 35 10.81 10.03 -31.54
N ILE B 36 12.04 10.46 -31.29
CA ILE B 36 12.67 11.53 -32.08
C ILE B 36 14.19 11.34 -32.23
N GLU B 37 14.74 11.70 -33.37
CA GLU B 37 16.19 11.58 -33.60
C GLU B 37 16.84 12.92 -33.59
N VAL B 38 17.69 13.13 -32.59
CA VAL B 38 18.42 14.37 -32.49
C VAL B 38 19.90 14.05 -32.40
N ASP B 39 20.69 14.71 -33.22
CA ASP B 39 22.14 14.54 -33.20
C ASP B 39 22.79 15.89 -33.33
N LEU B 40 23.93 16.05 -32.69
CA LEU B 40 24.69 17.27 -32.79
C LEU B 40 25.88 17.01 -33.72
N LEU B 41 26.04 17.86 -34.72
CA LEU B 41 27.09 17.71 -35.71
C LEU B 41 28.22 18.71 -35.53
N LYS B 42 29.44 18.30 -35.89
CA LYS B 42 30.61 19.18 -35.84
C LYS B 42 31.28 19.15 -37.20
N ASN B 43 31.06 20.19 -37.99
CA ASN B 43 31.61 20.27 -39.33
C ASN B 43 31.15 19.07 -40.17
N GLY B 44 29.93 18.60 -39.91
CA GLY B 44 29.37 17.47 -40.64
C GLY B 44 29.28 16.20 -39.84
N GLU B 45 30.38 15.79 -39.23
CA GLU B 45 30.40 14.55 -38.42
C GLU B 45 29.65 14.75 -37.11
N ARG B 46 28.98 13.69 -36.65
CA ARG B 46 28.21 13.76 -35.39
C ARG B 46 29.12 13.65 -34.17
N ILE B 47 28.62 14.10 -33.03
CA ILE B 47 29.38 14.05 -31.79
C ILE B 47 28.93 12.83 -30.96
N GLU B 48 29.90 12.11 -30.40
CA GLU B 48 29.62 10.88 -29.62
C GLU B 48 29.01 11.15 -28.25
N LYS B 49 29.73 11.88 -27.40
CA LYS B 49 29.23 12.19 -26.04
C LYS B 49 28.15 13.23 -26.10
N VAL B 50 26.90 12.77 -26.11
CA VAL B 50 25.76 13.66 -26.15
C VAL B 50 24.66 13.10 -25.27
N GLU B 51 24.35 13.82 -24.20
CA GLU B 51 23.30 13.41 -23.30
C GLU B 51 22.04 14.24 -23.50
N HIS B 52 20.94 13.78 -22.92
CA HIS B 52 19.67 14.51 -23.04
C HIS B 52 18.93 14.59 -21.72
N SER B 53 17.96 15.48 -21.65
CA SER B 53 17.16 15.64 -20.44
C SER B 53 16.07 14.57 -20.40
N ASP B 54 15.54 14.29 -19.20
CA ASP B 54 14.47 13.30 -19.01
C ASP B 54 13.20 13.78 -19.70
N LEU B 55 12.59 12.90 -20.49
CA LEU B 55 11.39 13.23 -21.25
C LEU B 55 10.29 13.87 -20.39
N SER B 56 9.87 15.06 -20.78
CA SER B 56 8.83 15.79 -20.07
C SER B 56 7.87 16.37 -21.11
N PHE B 57 6.77 16.97 -20.67
CA PHE B 57 5.81 17.55 -21.64
C PHE B 57 5.05 18.76 -21.16
N SER B 58 4.43 19.45 -22.11
CA SER B 58 3.69 20.67 -21.82
C SER B 58 2.19 20.46 -21.57
N LYS B 59 1.48 21.59 -21.40
CA LYS B 59 0.04 21.59 -21.14
C LYS B 59 -0.75 21.03 -22.30
N ASP B 60 -0.18 21.11 -23.51
CA ASP B 60 -0.87 20.55 -24.71
C ASP B 60 -0.39 19.12 -24.97
N TRP B 61 0.29 18.55 -23.99
CA TRP B 61 0.80 17.18 -24.05
C TRP B 61 2.00 16.98 -24.97
N SER B 62 2.45 18.05 -25.64
CA SER B 62 3.60 17.98 -26.56
C SER B 62 4.86 17.87 -25.76
N PHE B 63 5.83 17.16 -26.31
CA PHE B 63 7.07 16.91 -25.59
C PHE B 63 8.12 17.94 -25.82
N TYR B 64 9.08 17.95 -24.91
CA TYR B 64 10.26 18.81 -25.04
C TYR B 64 11.41 18.03 -24.52
N LEU B 65 12.58 18.33 -25.03
CA LEU B 65 13.71 17.55 -24.71
C LEU B 65 14.94 18.37 -24.98
N LEU B 66 15.92 18.27 -24.10
CA LEU B 66 17.17 19.02 -24.26
C LEU B 66 18.33 18.10 -24.48
N TYR B 67 19.03 18.27 -25.60
CA TYR B 67 20.23 17.48 -25.91
C TYR B 67 21.42 18.40 -25.75
N TYR B 68 22.53 17.88 -25.22
CA TYR B 68 23.72 18.72 -25.00
C TYR B 68 25.01 17.94 -24.91
N THR B 69 26.12 18.67 -25.07
CA THR B 69 27.47 18.12 -25.00
C THR B 69 28.45 19.25 -24.80
N GLU B 70 29.46 19.03 -23.97
CA GLU B 70 30.45 20.07 -23.74
C GLU B 70 31.40 20.14 -24.93
N PHE B 71 32.02 21.30 -25.12
CA PHE B 71 32.94 21.49 -26.23
C PHE B 71 33.69 22.83 -26.08
N THR B 72 34.51 23.18 -27.07
CA THR B 72 35.24 24.45 -27.08
C THR B 72 35.03 25.10 -28.46
N PRO B 73 34.28 26.22 -28.49
CA PRO B 73 33.93 26.89 -29.74
C PRO B 73 35.05 27.71 -30.36
N THR B 74 35.00 27.84 -31.68
CA THR B 74 35.97 28.62 -32.45
C THR B 74 35.24 29.13 -33.70
N GLU B 75 35.84 30.09 -34.41
CA GLU B 75 35.18 30.66 -35.59
C GLU B 75 35.28 29.77 -36.85
N LYS B 76 36.36 29.00 -36.98
CA LYS B 76 36.54 28.13 -38.16
C LYS B 76 35.68 26.82 -38.14
N ASP B 77 34.98 26.57 -37.03
CA ASP B 77 34.14 25.36 -36.90
C ASP B 77 32.65 25.69 -36.83
N GLU B 78 31.86 25.03 -37.67
CA GLU B 78 30.41 25.23 -37.71
C GLU B 78 29.71 24.04 -37.08
N TYR B 79 28.78 24.33 -36.17
CA TYR B 79 28.03 23.29 -35.50
C TYR B 79 26.56 23.37 -35.88
N ALA B 80 25.89 22.23 -35.84
CA ALA B 80 24.48 22.16 -36.19
C ALA B 80 23.80 21.06 -35.45
N CYS B 81 22.47 21.01 -35.58
CA CYS B 81 21.66 19.98 -34.94
C CYS B 81 20.81 19.29 -36.02
N ARG B 82 20.96 17.97 -36.16
CA ARG B 82 20.15 17.19 -37.15
C ARG B 82 18.99 16.53 -36.45
N VAL B 83 17.77 16.95 -36.76
CA VAL B 83 16.58 16.39 -36.16
C VAL B 83 15.77 15.63 -37.19
N ASN B 84 15.12 14.53 -36.75
CA ASN B 84 14.22 13.80 -37.64
C ASN B 84 13.06 13.30 -36.83
N HIS B 85 11.89 13.26 -37.44
CA HIS B 85 10.69 12.92 -36.74
C HIS B 85 9.66 12.55 -37.79
N VAL B 86 8.68 11.72 -37.44
CA VAL B 86 7.67 11.28 -38.42
C VAL B 86 6.93 12.45 -39.10
N THR B 87 6.85 13.60 -38.45
CA THR B 87 6.14 14.74 -39.02
C THR B 87 6.89 15.40 -40.19
N LEU B 88 8.21 15.28 -40.17
CA LEU B 88 9.07 15.87 -41.22
C LEU B 88 9.15 14.94 -42.45
N SER B 89 9.31 15.54 -43.63
CA SER B 89 9.42 14.75 -44.84
C SER B 89 10.90 14.37 -45.08
N GLN B 90 11.78 14.95 -44.29
CA GLN B 90 13.20 14.71 -44.41
C GLN B 90 13.90 15.33 -43.22
N PRO B 91 15.03 14.74 -42.80
CA PRO B 91 15.76 15.30 -41.67
C PRO B 91 16.00 16.79 -41.84
N LYS B 92 15.95 17.52 -40.73
CA LYS B 92 16.14 18.93 -40.76
C LYS B 92 17.38 19.31 -39.99
N ILE B 93 18.24 20.10 -40.62
CA ILE B 93 19.47 20.55 -40.01
C ILE B 93 19.40 22.05 -39.74
N VAL B 94 19.98 22.46 -38.61
CA VAL B 94 19.99 23.88 -38.22
C VAL B 94 21.37 24.26 -37.62
N LYS B 95 22.16 25.06 -38.37
CA LYS B 95 23.48 25.50 -37.83
C LYS B 95 23.33 26.36 -36.60
N TRP B 96 24.36 26.38 -35.78
CA TRP B 96 24.40 27.19 -34.60
C TRP B 96 24.93 28.55 -34.97
N ASP B 97 24.07 29.55 -34.87
CA ASP B 97 24.41 30.90 -35.17
C ASP B 97 25.07 31.50 -33.94
N ARG B 98 26.34 31.90 -34.08
CA ARG B 98 27.12 32.50 -32.96
C ARG B 98 26.29 33.44 -32.07
N ASP B 99 25.40 34.21 -32.68
CA ASP B 99 24.56 35.15 -31.95
C ASP B 99 23.05 34.97 -32.30
N MET B 100 22.45 33.90 -31.75
CA MET B 100 21.02 33.59 -31.95
C MET B 100 20.57 32.50 -30.90
N GLU C 1 6.26 14.24 -3.66
CA GLU C 1 5.61 13.13 -2.96
C GLU C 1 4.48 12.64 -3.86
N LEU C 2 4.66 11.45 -4.45
CA LEU C 2 3.66 10.87 -5.33
C LEU C 2 2.39 10.64 -4.63
N ALA C 3 1.29 10.68 -5.37
CA ALA C 3 0.01 10.41 -4.79
C ALA C 3 -0.04 8.91 -4.52
N GLY C 4 -0.57 8.53 -3.36
CA GLY C 4 -0.66 7.10 -2.98
C GLY C 4 -2.08 6.63 -3.04
N ILE C 5 -2.93 7.43 -3.64
CA ILE C 5 -4.32 7.08 -3.80
C ILE C 5 -4.84 7.73 -5.02
N GLY C 6 -6.01 7.30 -5.46
CA GLY C 6 -6.69 7.91 -6.64
C GLY C 6 -6.13 7.57 -7.99
N ALA C 7 -5.16 6.66 -8.02
CA ALA C 7 -4.56 6.26 -9.29
C ALA C 7 -5.10 4.91 -9.70
N LEU C 8 -6.05 4.91 -10.61
CA LEU C 8 -6.63 3.70 -11.08
C LEU C 8 -6.45 3.53 -12.56
N THR C 9 -6.74 2.30 -13.06
CA THR C 9 -6.67 2.03 -14.48
C THR C 9 -7.89 2.58 -15.08
N VAL C 10 -7.77 3.03 -16.32
CA VAL C 10 -8.86 3.60 -17.05
C VAL C 10 -9.96 2.53 -17.37
N GLN D 1 13.21 2.42 15.40
CA GLN D 1 11.98 3.25 15.62
C GLN D 1 10.75 2.47 15.08
N LYS D 2 9.73 2.26 15.92
CA LYS D 2 8.54 1.48 15.53
C LYS D 2 7.67 2.25 14.50
N GLU D 3 7.46 1.63 13.35
CA GLU D 3 6.68 2.25 12.27
C GLU D 3 5.17 2.42 12.60
N VAL D 4 4.62 1.49 13.36
CA VAL D 4 3.20 1.56 13.74
C VAL D 4 3.06 1.01 15.12
N GLU D 5 2.82 1.89 16.10
CA GLU D 5 2.71 1.52 17.49
C GLU D 5 1.31 1.43 17.97
N GLN D 6 1.03 0.38 18.72
CA GLN D 6 -0.24 0.18 19.34
C GLN D 6 -0.01 -0.51 20.67
N ASN D 7 -0.66 -0.03 21.74
CA ASN D 7 -0.60 -0.70 23.01
C ASN D 7 -1.10 -2.13 22.76
N SER D 8 -0.42 -3.11 23.33
CA SER D 8 -0.73 -4.52 23.12
C SER D 8 -2.01 -5.00 23.71
N GLY D 9 -2.31 -4.56 24.90
CA GLY D 9 -3.48 -5.05 25.59
C GLY D 9 -2.99 -6.20 26.44
N PRO D 10 -3.92 -7.01 26.96
CA PRO D 10 -5.37 -6.94 26.74
C PRO D 10 -6.06 -5.76 27.38
N LEU D 11 -6.88 -5.10 26.61
CA LEU D 11 -7.64 -3.98 27.06
C LEU D 11 -9.03 -4.53 27.46
N SER D 12 -9.51 -4.18 28.65
CA SER D 12 -10.86 -4.62 29.10
C SER D 12 -11.84 -3.54 28.95
N VAL D 13 -13.04 -3.87 28.47
CA VAL D 13 -14.13 -2.88 28.38
C VAL D 13 -15.44 -3.59 28.70
N PRO D 14 -16.24 -2.99 29.56
CA PRO D 14 -17.50 -3.59 29.94
C PRO D 14 -18.45 -3.67 28.79
N GLU D 15 -19.17 -4.76 28.69
CA GLU D 15 -20.16 -4.91 27.65
C GLU D 15 -21.02 -3.63 27.63
N GLY D 16 -21.27 -3.09 26.44
CA GLY D 16 -22.08 -1.89 26.30
C GLY D 16 -21.30 -0.56 26.25
N ALA D 17 -20.07 -0.58 26.74
CA ALA D 17 -19.24 0.62 26.76
C ALA D 17 -18.52 0.85 25.41
N ILE D 18 -17.99 2.04 25.22
CA ILE D 18 -17.27 2.35 24.02
C ILE D 18 -15.83 1.94 24.21
N ALA D 19 -15.27 1.23 23.24
CA ALA D 19 -13.89 0.84 23.30
C ALA D 19 -13.12 1.74 22.34
N SER D 20 -12.02 2.28 22.80
CA SER D 20 -11.22 3.12 21.97
C SER D 20 -9.82 2.55 21.83
N LEU D 21 -9.42 2.31 20.59
CA LEU D 21 -8.15 1.76 20.24
C LEU D 21 -7.35 2.82 19.52
N ASN D 22 -6.11 3.03 19.97
CA ASN D 22 -5.27 4.06 19.42
C ASN D 22 -4.03 3.56 18.67
N CYS D 23 -3.57 4.35 17.70
CA CYS D 23 -2.44 3.97 16.89
C CYS D 23 -1.59 5.19 16.52
N THR D 24 -0.28 5.02 16.48
CA THR D 24 0.61 6.09 16.10
C THR D 24 1.56 5.56 15.04
N TYR D 25 1.72 6.31 13.94
CA TYR D 25 2.63 5.89 12.85
C TYR D 25 3.72 6.89 12.66
N SER D 26 4.84 6.45 12.17
CA SER D 26 5.97 7.33 12.02
C SER D 26 6.20 7.87 10.58
N PHE D 27 5.71 7.17 9.60
CA PHE D 27 5.93 7.57 8.18
C PHE D 27 5.05 8.75 7.75
N LEU D 28 5.67 9.92 7.67
CA LEU D 28 5.00 11.17 7.30
C LEU D 28 4.11 11.05 6.01
N GLY D 29 4.60 10.34 4.99
CA GLY D 29 3.90 10.23 3.68
C GLY D 29 2.76 9.21 3.54
N SER D 30 2.33 8.62 4.65
CA SER D 30 1.24 7.64 4.62
C SER D 30 -0.03 8.35 4.22
N GLN D 31 -0.70 7.87 3.19
CA GLN D 31 -1.89 8.57 2.70
C GLN D 31 -3.22 7.84 2.91
N SER D 32 -3.18 6.58 3.34
CA SER D 32 -4.42 5.84 3.62
C SER D 32 -4.20 4.95 4.80
N PHE D 33 -5.25 4.74 5.59
CA PHE D 33 -5.14 3.97 6.85
C PHE D 33 -6.27 2.98 6.99
N PHE D 34 -5.98 1.85 7.62
CA PHE D 34 -6.91 0.77 7.70
C PHE D 34 -6.98 0.12 9.10
N TRP D 35 -8.13 -0.46 9.43
CA TRP D 35 -8.30 -1.21 10.64
C TRP D 35 -8.79 -2.59 10.31
N TYR D 36 -8.11 -3.59 10.85
CA TYR D 36 -8.48 -4.98 10.67
C TYR D 36 -8.85 -5.61 12.05
N ARG D 37 -9.77 -6.55 12.02
CA ARG D 37 -10.17 -7.27 13.22
C ARG D 37 -9.65 -8.71 13.10
N GLN D 38 -9.04 -9.25 14.14
CA GLN D 38 -8.51 -10.62 14.05
C GLN D 38 -8.84 -11.53 15.25
N TYR D 39 -9.62 -12.55 14.98
CA TYR D 39 -9.98 -13.50 15.96
C TYR D 39 -8.90 -14.64 16.04
N SER D 40 -8.72 -15.22 17.24
CA SER D 40 -7.74 -16.30 17.45
C SER D 40 -7.83 -17.34 16.41
N GLY D 41 -6.70 -17.62 15.76
CA GLY D 41 -6.64 -18.64 14.75
C GLY D 41 -7.22 -18.26 13.41
N LYS D 42 -7.57 -17.00 13.23
CA LYS D 42 -8.16 -16.56 11.97
C LYS D 42 -7.36 -15.48 11.34
N SER D 43 -7.62 -15.23 10.08
CA SER D 43 -6.94 -14.17 9.37
C SER D 43 -7.66 -12.85 9.63
N PRO D 44 -6.97 -11.75 9.42
CA PRO D 44 -7.55 -10.45 9.66
C PRO D 44 -8.69 -10.10 8.73
N GLU D 45 -9.75 -9.50 9.27
CA GLU D 45 -10.88 -9.01 8.46
C GLU D 45 -10.84 -7.49 8.44
N LEU D 46 -11.03 -6.93 7.27
CA LEU D 46 -11.03 -5.52 7.11
C LEU D 46 -12.26 -4.97 7.69
N ILE D 47 -12.11 -4.06 8.65
CA ILE D 47 -13.23 -3.39 9.29
C ILE D 47 -13.54 -2.13 8.55
N MET D 48 -12.52 -1.27 8.37
CA MET D 48 -12.69 -0.03 7.62
C MET D 48 -11.38 0.67 7.24
N PHE D 49 -11.50 1.67 6.39
CA PHE D 49 -10.36 2.42 5.91
C PHE D 49 -10.70 3.88 5.77
N THR D 50 -9.68 4.72 5.70
CA THR D 50 -9.89 6.14 5.54
C THR D 50 -8.73 6.75 4.87
N TYR D 51 -8.99 7.87 4.18
CA TYR D 51 -7.91 8.61 3.52
C TYR D 51 -8.00 10.10 3.77
N ARG D 52 -8.78 10.52 4.73
CA ARG D 52 -8.85 11.93 5.00
C ARG D 52 -9.04 12.20 6.48
N GLU D 53 -8.57 13.38 6.94
CA GLU D 53 -8.72 13.74 8.34
C GLU D 53 -10.14 13.82 8.76
N GLY D 54 -10.39 13.42 9.98
CA GLY D 54 -11.71 13.45 10.50
C GLY D 54 -12.17 12.09 10.93
N ASP D 55 -13.48 11.96 11.12
CA ASP D 55 -14.08 10.77 11.55
C ASP D 55 -14.80 10.08 10.40
N LYS D 56 -14.89 8.76 10.48
CA LYS D 56 -15.62 7.98 9.52
C LYS D 56 -16.36 6.88 10.28
N GLU D 57 -17.68 6.88 10.19
CA GLU D 57 -18.51 5.92 10.92
C GLU D 57 -19.13 4.88 9.98
N ASP D 58 -19.13 3.63 10.46
CA ASP D 58 -19.73 2.49 9.75
C ASP D 58 -20.31 1.59 10.80
N GLY D 59 -21.59 1.73 11.05
CA GLY D 59 -22.23 0.97 12.08
C GLY D 59 -21.74 1.42 13.45
N ARG D 60 -21.22 0.49 14.22
CA ARG D 60 -20.72 0.78 15.53
C ARG D 60 -19.29 1.21 15.48
N PHE D 61 -18.67 1.16 14.29
CA PHE D 61 -17.26 1.51 14.13
C PHE D 61 -17.01 2.89 13.62
N THR D 62 -16.15 3.63 14.31
CA THR D 62 -15.75 4.96 13.89
C THR D 62 -14.25 5.07 13.86
N ALA D 63 -13.71 5.41 12.72
CA ALA D 63 -12.26 5.59 12.60
C ALA D 63 -11.96 7.12 12.64
N GLN D 64 -10.82 7.47 13.18
CA GLN D 64 -10.45 8.84 13.29
C GLN D 64 -9.02 9.00 12.84
N LEU D 65 -8.76 10.04 12.06
CA LEU D 65 -7.43 10.30 11.58
C LEU D 65 -6.99 11.71 11.84
N ASN D 66 -5.87 11.84 12.54
CA ASN D 66 -5.27 13.16 12.82
C ASN D 66 -3.83 13.13 12.29
N LYS D 67 -3.59 13.80 11.17
CA LYS D 67 -2.25 13.80 10.52
C LYS D 67 -1.23 14.65 11.20
N ALA D 68 -1.65 15.69 11.86
CA ALA D 68 -0.68 16.56 12.49
C ALA D 68 0.09 15.78 13.54
N SER D 69 -0.58 14.86 14.20
CA SER D 69 0.05 14.08 15.25
C SER D 69 0.23 12.63 14.85
N GLN D 70 -0.04 12.35 13.60
CA GLN D 70 0.07 11.01 13.07
C GLN D 70 -0.51 10.03 14.03
N HIS D 71 -1.79 10.17 14.28
CA HIS D 71 -2.54 9.32 15.20
C HIS D 71 -3.77 8.84 14.52
N VAL D 72 -4.09 7.57 14.68
CA VAL D 72 -5.30 7.00 14.10
C VAL D 72 -6.05 6.31 15.20
N SER D 73 -7.36 6.53 15.29
CA SER D 73 -8.20 5.88 16.34
C SER D 73 -9.28 5.06 15.76
N LEU D 74 -9.83 4.16 16.59
CA LEU D 74 -11.00 3.32 16.24
C LEU D 74 -11.86 3.25 17.49
N LEU D 75 -13.15 3.54 17.34
CA LEU D 75 -14.08 3.46 18.44
C LEU D 75 -15.13 2.45 18.13
N ILE D 76 -15.42 1.61 19.10
CA ILE D 76 -16.45 0.60 18.96
C ILE D 76 -17.51 0.94 19.95
N ARG D 77 -18.66 1.34 19.45
CA ARG D 77 -19.76 1.72 20.28
C ARG D 77 -20.51 0.47 20.71
N ASP D 78 -21.15 0.54 21.88
CA ASP D 78 -21.98 -0.56 22.37
C ASP D 78 -21.26 -1.91 22.26
N SER D 79 -20.06 -1.97 22.83
CA SER D 79 -19.21 -3.19 22.77
C SER D 79 -19.89 -4.48 23.18
N GLN D 80 -19.65 -5.52 22.44
CA GLN D 80 -20.24 -6.83 22.70
C GLN D 80 -19.13 -7.83 22.91
N PRO D 81 -19.43 -8.91 23.63
CA PRO D 81 -18.41 -9.95 23.86
C PRO D 81 -17.80 -10.46 22.58
N SER D 82 -18.58 -10.55 21.52
CA SER D 82 -18.08 -11.04 20.21
C SER D 82 -17.15 -10.03 19.53
N ASP D 83 -16.98 -8.85 20.13
CA ASP D 83 -16.01 -7.86 19.63
C ASP D 83 -14.63 -8.22 20.15
N SER D 84 -14.56 -9.20 21.03
CA SER D 84 -13.27 -9.61 21.59
C SER D 84 -12.38 -10.10 20.48
N ALA D 85 -11.25 -9.46 20.31
CA ALA D 85 -10.35 -9.83 19.26
C ALA D 85 -9.16 -8.93 19.28
N THR D 86 -8.22 -9.13 18.35
CA THR D 86 -7.07 -8.25 18.24
C THR D 86 -7.27 -7.36 17.03
N TYR D 87 -7.18 -6.04 17.25
CA TYR D 87 -7.39 -5.07 16.23
C TYR D 87 -6.09 -4.54 15.74
N LEU D 88 -5.88 -4.67 14.46
CA LEU D 88 -4.64 -4.25 13.82
C LEU D 88 -4.81 -2.96 13.10
N CYS D 89 -3.87 -2.09 13.30
CA CYS D 89 -3.83 -0.81 12.65
C CYS D 89 -2.85 -0.96 11.51
N ALA D 90 -3.24 -0.56 10.31
CA ALA D 90 -2.38 -0.66 9.16
C ALA D 90 -2.27 0.66 8.45
N VAL D 91 -1.07 1.03 8.11
CA VAL D 91 -0.80 2.26 7.39
C VAL D 91 -0.33 1.92 6.00
N ASN D 92 -0.68 2.73 5.05
CA ASN D 92 -0.24 2.51 3.70
C ASN D 92 0.91 3.45 3.38
N ASP D 93 2.11 2.91 3.38
CA ASP D 93 3.31 3.72 3.13
C ASP D 93 3.83 3.60 1.70
N GLY D 94 2.92 3.37 0.72
CA GLY D 94 3.31 3.32 -0.69
C GLY D 94 3.09 2.00 -1.40
N GLY D 95 1.92 1.82 -1.97
CA GLY D 95 1.60 0.63 -2.70
C GLY D 95 1.46 -0.64 -1.88
N ARG D 96 1.59 -0.52 -0.58
CA ARG D 96 1.51 -1.70 0.31
C ARG D 96 1.03 -1.27 1.65
N LEU D 97 0.72 -2.22 2.49
CA LEU D 97 0.28 -1.94 3.86
C LEU D 97 1.33 -2.34 4.87
N THR D 98 1.57 -1.46 5.85
CA THR D 98 2.49 -1.77 6.95
C THR D 98 1.67 -1.83 8.21
N PHE D 99 1.77 -2.94 8.91
CA PHE D 99 0.96 -3.19 10.11
C PHE D 99 1.61 -2.94 11.43
N GLY D 100 0.78 -2.70 12.42
CA GLY D 100 1.20 -2.57 13.79
C GLY D 100 1.01 -3.98 14.35
N ASP D 101 1.32 -4.17 15.59
CA ASP D 101 1.21 -5.47 16.15
C ASP D 101 -0.14 -5.76 16.78
N GLY D 102 -1.03 -4.78 16.77
CA GLY D 102 -2.39 -4.96 17.25
C GLY D 102 -2.60 -4.82 18.71
N THR D 103 -3.84 -4.50 19.06
CA THR D 103 -4.25 -4.36 20.44
C THR D 103 -5.31 -5.44 20.71
N THR D 104 -5.07 -6.25 21.73
CA THR D 104 -5.99 -7.31 22.09
C THR D 104 -7.07 -6.76 22.99
N LEU D 105 -8.32 -6.83 22.52
CA LEU D 105 -9.46 -6.32 23.29
C LEU D 105 -10.33 -7.45 23.83
N THR D 106 -10.76 -7.32 25.08
CA THR D 106 -11.65 -8.29 25.68
C THR D 106 -12.85 -7.58 26.23
N VAL D 107 -14.02 -7.86 25.67
CA VAL D 107 -15.21 -7.28 26.14
C VAL D 107 -15.88 -8.25 27.10
N LYS D 108 -15.95 -7.84 28.37
CA LYS D 108 -16.54 -8.66 29.42
C LYS D 108 -18.08 -8.59 29.44
N PRO D 109 -18.73 -9.76 29.39
CA PRO D 109 -20.16 -9.86 29.42
C PRO D 109 -20.72 -9.44 30.72
N ASN D 110 -21.94 -8.99 30.73
CA ASN D 110 -22.58 -8.60 31.94
C ASN D 110 -23.49 -9.75 32.35
N ILE D 111 -23.19 -10.36 33.48
CA ILE D 111 -23.96 -11.48 33.95
C ILE D 111 -25.06 -10.97 34.83
N GLN D 112 -26.29 -11.14 34.36
CA GLN D 112 -27.49 -10.63 35.04
C GLN D 112 -27.79 -11.33 36.35
N ASN D 113 -27.51 -12.63 36.43
CA ASN D 113 -27.83 -13.39 37.63
C ASN D 113 -26.77 -14.41 38.04
N PRO D 114 -25.65 -13.92 38.58
CA PRO D 114 -24.59 -14.78 39.05
C PRO D 114 -25.11 -15.92 39.86
N ASP D 115 -24.62 -17.11 39.57
CA ASP D 115 -25.03 -18.31 40.26
C ASP D 115 -23.78 -19.19 40.37
N PRO D 116 -22.67 -18.62 40.88
CA PRO D 116 -21.39 -19.33 40.99
C PRO D 116 -21.53 -20.75 41.55
N ALA D 117 -20.80 -21.69 40.97
CA ALA D 117 -20.87 -23.09 41.40
C ALA D 117 -19.76 -23.91 40.75
N VAL D 118 -19.30 -24.94 41.46
CA VAL D 118 -18.28 -25.87 40.96
C VAL D 118 -18.92 -27.24 40.92
N TYR D 119 -18.91 -27.87 39.75
CA TYR D 119 -19.51 -29.19 39.57
C TYR D 119 -18.46 -30.19 39.15
N GLN D 120 -18.69 -31.47 39.47
CA GLN D 120 -17.77 -32.52 39.10
C GLN D 120 -18.42 -33.42 38.06
N LEU D 121 -17.82 -33.47 36.87
CA LEU D 121 -18.34 -34.28 35.79
C LEU D 121 -17.49 -35.56 35.63
N ARG D 122 -18.14 -36.67 35.25
CA ARG D 122 -17.43 -37.90 35.04
C ARG D 122 -17.44 -38.26 33.57
N ASP D 123 -16.41 -39.03 33.16
CA ASP D 123 -16.26 -39.47 31.76
C ASP D 123 -17.42 -40.39 31.39
N SER D 124 -17.86 -40.29 30.13
CA SER D 124 -18.98 -41.12 29.64
C SER D 124 -18.50 -42.54 29.43
N LYS D 125 -17.33 -42.70 28.81
CA LYS D 125 -16.76 -44.03 28.57
C LYS D 125 -16.11 -44.56 29.85
N SER D 126 -16.54 -45.75 30.27
CA SER D 126 -16.04 -46.41 31.50
C SER D 126 -14.64 -45.93 31.92
N SER D 127 -14.59 -45.04 32.92
CA SER D 127 -13.32 -44.49 33.42
C SER D 127 -13.52 -43.76 34.75
N ASP D 128 -12.46 -43.75 35.58
CA ASP D 128 -12.48 -43.07 36.87
C ASP D 128 -11.80 -41.69 36.74
N LYS D 129 -11.70 -41.19 35.52
CA LYS D 129 -11.08 -39.89 35.25
C LYS D 129 -12.22 -38.85 35.36
N SER D 130 -11.95 -37.70 35.98
CA SER D 130 -12.99 -36.67 36.16
C SER D 130 -12.54 -35.26 35.87
N VAL D 131 -13.52 -34.41 35.62
CA VAL D 131 -13.29 -33.00 35.33
C VAL D 131 -14.06 -32.13 36.33
N CYS D 132 -13.65 -30.87 36.47
CA CYS D 132 -14.34 -29.94 37.37
C CYS D 132 -14.70 -28.67 36.70
N LEU D 133 -15.98 -28.33 36.78
CA LEU D 133 -16.52 -27.18 36.11
C LEU D 133 -16.90 -26.05 37.04
N PHE D 134 -16.21 -24.91 36.87
CA PHE D 134 -16.53 -23.71 37.64
C PHE D 134 -17.32 -22.83 36.70
N THR D 135 -18.61 -22.65 36.98
CA THR D 135 -19.47 -21.89 36.07
C THR D 135 -20.46 -20.95 36.77
N ASP D 136 -21.12 -20.10 35.95
CA ASP D 136 -22.13 -19.13 36.39
C ASP D 136 -21.57 -18.05 37.32
N PHE D 137 -20.28 -17.78 37.22
CA PHE D 137 -19.66 -16.76 38.04
C PHE D 137 -19.63 -15.38 37.35
N ASP D 138 -19.35 -14.36 38.14
CA ASP D 138 -19.33 -13.00 37.67
C ASP D 138 -18.08 -12.76 36.81
N SER D 139 -18.13 -11.73 35.97
CA SER D 139 -16.99 -11.38 35.10
C SER D 139 -15.89 -10.69 35.91
N GLN D 140 -16.27 -10.16 37.08
CA GLN D 140 -15.33 -9.50 37.99
C GLN D 140 -14.44 -10.59 38.63
N THR D 141 -14.92 -11.84 38.56
CA THR D 141 -14.20 -12.97 39.11
C THR D 141 -13.03 -13.36 38.23
N ASN D 142 -11.85 -13.35 38.80
CA ASN D 142 -10.64 -13.70 38.07
C ASN D 142 -10.11 -15.08 38.47
N VAL D 143 -10.34 -16.07 37.60
CA VAL D 143 -9.89 -17.44 37.81
C VAL D 143 -8.36 -17.53 37.77
N SER D 144 -7.76 -17.99 38.87
CA SER D 144 -6.31 -18.08 38.95
C SER D 144 -5.81 -19.40 38.41
N GLN D 145 -4.56 -19.41 37.96
CA GLN D 145 -3.91 -20.63 37.44
C GLN D 145 -3.57 -21.56 38.63
N SER D 146 -3.03 -22.73 38.33
CA SER D 146 -2.64 -23.67 39.40
C SER D 146 -1.13 -23.82 39.42
N LYS D 147 -0.43 -22.72 39.67
CA LYS D 147 1.03 -22.71 39.75
C LYS D 147 1.54 -23.92 40.55
N ASP D 148 0.71 -24.40 41.48
CA ASP D 148 1.08 -25.51 42.35
C ASP D 148 0.77 -26.92 41.78
N SER D 149 1.79 -27.79 41.86
CA SER D 149 1.70 -29.21 41.46
C SER D 149 1.08 -29.44 40.07
N ASP D 150 0.65 -30.69 39.85
CA ASP D 150 0.01 -31.08 38.63
C ASP D 150 -1.34 -30.37 38.55
N VAL D 151 -2.34 -31.03 37.97
CA VAL D 151 -3.71 -30.44 37.80
C VAL D 151 -3.65 -29.31 36.78
N TYR D 152 -4.69 -29.16 36.00
CA TYR D 152 -4.73 -28.14 34.99
C TYR D 152 -5.99 -27.34 35.14
N ILE D 153 -5.88 -26.05 34.94
CA ILE D 153 -7.02 -25.18 35.03
C ILE D 153 -7.07 -24.24 33.84
N THR D 154 -8.11 -24.37 33.03
CA THR D 154 -8.24 -23.53 31.82
C THR D 154 -8.62 -22.15 32.19
N ASP D 155 -8.43 -21.22 31.28
CA ASP D 155 -8.83 -19.84 31.52
C ASP D 155 -10.33 -19.83 31.33
N LYS D 156 -10.97 -18.70 31.61
CA LYS D 156 -12.41 -18.61 31.49
C LYS D 156 -12.81 -18.23 30.09
N CYS D 157 -13.83 -18.90 29.57
CA CYS D 157 -14.36 -18.54 28.25
C CYS D 157 -15.91 -18.26 28.40
N VAL D 158 -16.40 -17.29 27.64
CA VAL D 158 -17.78 -16.87 27.71
C VAL D 158 -18.68 -17.69 26.80
N LEU D 159 -19.72 -18.25 27.38
CA LEU D 159 -20.69 -19.10 26.65
C LEU D 159 -22.02 -18.39 26.42
N ASP D 160 -22.54 -18.47 25.21
CA ASP D 160 -23.79 -17.78 24.86
C ASP D 160 -24.85 -18.77 24.31
N MET D 161 -25.99 -18.86 25.00
CA MET D 161 -27.08 -19.73 24.57
C MET D 161 -28.17 -18.92 23.87
N ARG D 162 -28.09 -18.83 22.55
CA ARG D 162 -29.12 -18.13 21.78
C ARG D 162 -30.45 -18.90 21.93
N SER D 163 -31.50 -18.18 22.33
CA SER D 163 -32.85 -18.76 22.59
C SER D 163 -33.10 -18.62 24.08
N MET D 164 -32.16 -19.13 24.86
CA MET D 164 -32.20 -18.99 26.30
C MET D 164 -31.88 -17.55 26.66
N ASP D 165 -31.15 -16.88 25.76
CA ASP D 165 -30.73 -15.50 25.97
C ASP D 165 -29.99 -15.44 27.28
N PHE D 166 -29.06 -16.38 27.46
CA PHE D 166 -28.31 -16.49 28.68
C PHE D 166 -26.82 -16.77 28.39
N LYS D 167 -25.96 -15.84 28.82
CA LYS D 167 -24.54 -16.00 28.66
C LYS D 167 -23.99 -16.50 29.98
N SER D 168 -22.92 -17.27 29.94
CA SER D 168 -22.31 -17.78 31.16
C SER D 168 -20.83 -17.94 31.05
N ASN D 169 -20.15 -17.70 32.16
CA ASN D 169 -18.71 -17.86 32.23
C ASN D 169 -18.44 -19.24 32.74
N SER D 170 -17.30 -19.79 32.40
CA SER D 170 -16.93 -21.09 32.88
C SER D 170 -15.45 -21.29 32.79
N ALA D 171 -14.96 -22.27 33.53
CA ALA D 171 -13.57 -22.62 33.54
C ALA D 171 -13.50 -24.09 33.90
N VAL D 172 -12.49 -24.78 33.41
CA VAL D 172 -12.35 -26.20 33.66
C VAL D 172 -11.00 -26.55 34.23
N ALA D 173 -11.03 -27.45 35.21
CA ALA D 173 -9.84 -27.95 35.84
C ALA D 173 -9.91 -29.45 35.89
N TRP D 174 -8.78 -30.10 35.80
CA TRP D 174 -8.75 -31.53 35.87
C TRP D 174 -7.38 -32.03 36.20
N SER D 175 -7.32 -33.26 36.68
CA SER D 175 -6.07 -33.87 37.01
C SER D 175 -6.16 -35.37 36.78
N ASN D 176 -5.05 -36.02 36.97
CA ASN D 176 -4.99 -37.43 36.79
C ASN D 176 -4.61 -38.14 38.05
N LYS D 177 -3.93 -37.43 38.96
CA LYS D 177 -3.50 -38.00 40.22
C LYS D 177 -4.74 -38.32 41.07
N SER D 178 -4.70 -39.48 41.73
CA SER D 178 -5.81 -39.91 42.58
C SER D 178 -5.93 -38.99 43.80
N ASP D 179 -7.05 -39.10 44.51
CA ASP D 179 -7.31 -38.26 45.68
C ASP D 179 -7.28 -36.79 45.27
N PHE D 180 -8.23 -36.41 44.43
CA PHE D 180 -8.33 -35.04 43.96
C PHE D 180 -9.77 -34.68 43.65
N ALA D 181 -10.43 -34.04 44.61
CA ALA D 181 -11.79 -33.57 44.41
C ALA D 181 -11.67 -32.12 44.02
N CYS D 182 -12.79 -31.43 43.91
CA CYS D 182 -12.74 -30.04 43.54
C CYS D 182 -13.34 -29.10 44.54
N ALA D 183 -13.00 -29.32 45.80
CA ALA D 183 -13.40 -28.45 46.85
C ALA D 183 -12.28 -27.40 46.97
N ASN D 184 -11.08 -27.78 46.52
CA ASN D 184 -9.90 -26.91 46.54
C ASN D 184 -9.32 -26.79 45.12
N ALA D 185 -10.18 -27.00 44.12
CA ALA D 185 -9.76 -26.97 42.71
C ALA D 185 -9.27 -25.61 42.25
N PHE D 186 -10.04 -24.57 42.53
CA PHE D 186 -9.69 -23.22 42.09
C PHE D 186 -9.22 -22.36 43.26
N ASN D 187 -7.89 -22.18 43.38
CA ASN D 187 -7.29 -21.39 44.49
C ASN D 187 -8.08 -20.14 44.86
N ASN D 188 -8.06 -19.14 43.98
CA ASN D 188 -8.77 -17.88 44.20
C ASN D 188 -10.12 -17.90 43.46
N SER D 189 -11.21 -17.72 44.21
CA SER D 189 -12.56 -17.71 43.65
C SER D 189 -13.53 -17.13 44.67
N ILE D 190 -14.82 -17.16 44.35
CA ILE D 190 -15.86 -16.66 45.25
C ILE D 190 -16.40 -17.90 46.06
N ILE D 191 -17.49 -17.73 46.84
CA ILE D 191 -18.06 -18.86 47.64
C ILE D 191 -19.29 -19.59 46.95
N PRO D 192 -19.08 -20.09 45.70
CA PRO D 192 -20.04 -20.82 44.87
C PRO D 192 -20.90 -21.85 45.61
N GLU D 193 -21.05 -23.03 45.02
CA GLU D 193 -21.83 -24.10 45.62
C GLU D 193 -21.18 -25.46 45.39
N ASP D 194 -20.47 -25.94 46.42
CA ASP D 194 -19.84 -27.26 46.36
C ASP D 194 -20.82 -28.27 46.96
N THR D 195 -21.13 -29.32 46.19
CA THR D 195 -22.10 -30.34 46.64
C THR D 195 -21.51 -31.77 46.67
N PHE D 196 -22.13 -32.64 47.46
CA PHE D 196 -21.69 -34.04 47.59
C PHE D 196 -22.80 -34.83 48.28
N PHE D 197 -23.13 -36.01 47.73
CA PHE D 197 -24.20 -36.85 48.32
C PHE D 197 -23.74 -37.50 49.65
N MET E 1 -20.53 -12.22 -9.03
CA MET E 1 -19.57 -11.45 -9.89
C MET E 1 -18.60 -10.59 -9.00
N SER E 2 -18.79 -10.66 -7.66
CA SER E 2 -17.97 -9.89 -6.67
C SER E 2 -16.61 -10.53 -6.42
N GLN E 3 -15.80 -9.88 -5.59
CA GLN E 3 -14.45 -10.35 -5.30
C GLN E 3 -14.35 -11.35 -4.17
N THR E 4 -13.42 -12.28 -4.33
CA THR E 4 -13.14 -13.29 -3.33
C THR E 4 -11.66 -13.66 -3.45
N ILE E 5 -11.11 -14.18 -2.37
CA ILE E 5 -9.73 -14.61 -2.38
C ILE E 5 -9.63 -15.87 -1.52
N HIS E 6 -8.84 -16.83 -1.98
CA HIS E 6 -8.68 -18.08 -1.26
C HIS E 6 -7.28 -18.59 -1.33
N GLN E 7 -6.80 -19.18 -0.24
CA GLN E 7 -5.49 -19.77 -0.24
C GLN E 7 -5.53 -21.19 0.25
N TRP E 8 -4.53 -21.98 -0.17
CA TRP E 8 -4.46 -23.40 0.14
C TRP E 8 -3.03 -23.86 0.23
N PRO E 9 -2.72 -24.83 1.13
CA PRO E 9 -3.62 -25.48 2.09
C PRO E 9 -3.78 -24.63 3.36
N ALA E 10 -4.62 -25.05 4.28
CA ALA E 10 -4.89 -24.25 5.49
C ALA E 10 -3.86 -24.44 6.61
N THR E 11 -3.44 -25.69 6.83
CA THR E 11 -2.46 -25.97 7.85
C THR E 11 -1.46 -26.94 7.34
N LEU E 12 -0.21 -26.76 7.72
CA LEU E 12 0.86 -27.63 7.29
C LEU E 12 1.82 -27.91 8.41
N VAL E 13 2.26 -29.13 8.47
CA VAL E 13 3.21 -29.56 9.44
C VAL E 13 4.28 -30.30 8.66
N GLN E 14 5.45 -29.72 8.56
CA GLN E 14 6.54 -30.31 7.80
C GLN E 14 7.85 -30.30 8.58
N PRO E 15 8.79 -31.14 8.18
CA PRO E 15 10.07 -31.15 8.83
C PRO E 15 11.07 -30.17 8.18
N VAL E 16 12.05 -29.76 8.96
CA VAL E 16 13.08 -28.93 8.46
C VAL E 16 13.66 -29.58 7.20
N GLY E 17 13.89 -28.79 6.17
CA GLY E 17 14.52 -29.29 4.96
C GLY E 17 13.59 -29.73 3.86
N SER E 18 12.30 -29.57 4.04
CA SER E 18 11.34 -29.98 3.04
C SER E 18 10.91 -28.79 2.19
N PRO E 19 10.42 -29.05 0.99
CA PRO E 19 9.97 -27.97 0.11
C PRO E 19 8.58 -27.48 0.48
N LEU E 20 8.34 -26.19 0.28
CA LEU E 20 7.09 -25.58 0.60
C LEU E 20 6.39 -25.07 -0.67
N SER E 21 5.06 -25.24 -0.73
CA SER E 21 4.26 -24.71 -1.84
C SER E 21 2.89 -24.24 -1.37
N LEU E 22 2.68 -22.92 -1.32
CA LEU E 22 1.35 -22.35 -0.92
C LEU E 22 0.69 -21.69 -2.13
N GLU E 23 -0.63 -21.86 -2.27
CA GLU E 23 -1.36 -21.26 -3.40
C GLU E 23 -2.32 -20.19 -2.99
N CYS E 24 -2.52 -19.23 -3.88
CA CYS E 24 -3.46 -18.14 -3.66
C CYS E 24 -4.23 -17.90 -4.95
N THR E 25 -5.54 -17.77 -4.83
CA THR E 25 -6.39 -17.55 -5.97
C THR E 25 -7.42 -16.46 -5.71
N VAL E 26 -7.55 -15.54 -6.65
CA VAL E 26 -8.52 -14.44 -6.52
C VAL E 26 -9.50 -14.45 -7.65
N GLU E 27 -10.70 -13.97 -7.38
CA GLU E 27 -11.76 -13.89 -8.41
C GLU E 27 -12.53 -12.62 -8.21
N GLY E 28 -13.10 -12.06 -9.28
CA GLY E 28 -13.90 -10.82 -9.15
C GLY E 28 -13.24 -9.56 -9.69
N THR E 29 -11.92 -9.59 -9.86
CA THR E 29 -11.19 -8.48 -10.49
C THR E 29 -10.13 -9.04 -11.36
N SER E 30 -9.55 -8.18 -12.19
CA SER E 30 -8.50 -8.57 -13.03
C SER E 30 -7.30 -7.64 -12.84
N ASN E 31 -6.10 -8.17 -13.08
CA ASN E 31 -4.85 -7.39 -12.97
C ASN E 31 -4.64 -6.80 -11.60
N PRO E 32 -4.90 -7.58 -10.57
CA PRO E 32 -4.74 -7.06 -9.24
C PRO E 32 -3.35 -7.09 -8.71
N ASN E 33 -3.11 -6.33 -7.66
CA ASN E 33 -1.88 -6.36 -6.95
C ASN E 33 -2.02 -7.54 -6.00
N LEU E 34 -1.02 -8.35 -5.90
CA LEU E 34 -1.04 -9.50 -5.00
C LEU E 34 0.07 -9.37 -3.98
N TYR E 35 -0.25 -9.75 -2.73
CA TYR E 35 0.71 -9.66 -1.65
C TYR E 35 0.81 -10.95 -0.85
N TRP E 36 2.03 -11.25 -0.37
CA TRP E 36 2.25 -12.36 0.57
C TRP E 36 2.77 -11.75 1.84
N TYR E 37 2.11 -12.05 2.94
CA TYR E 37 2.56 -11.61 4.24
C TYR E 37 2.81 -12.83 5.14
N ARG E 38 3.60 -12.62 6.17
N ARG E 38 3.60 -12.60 6.18
CA ARG E 38 3.90 -13.65 7.15
CA ARG E 38 3.94 -13.62 7.16
C ARG E 38 3.65 -13.05 8.52
C ARG E 38 3.63 -13.03 8.53
N GLN E 39 2.93 -13.78 9.35
CA GLN E 39 2.60 -13.29 10.69
C GLN E 39 3.12 -14.23 11.78
N ALA E 40 3.83 -13.65 12.73
CA ALA E 40 4.37 -14.35 13.87
C ALA E 40 3.41 -14.13 15.05
N ALA E 41 3.38 -15.09 15.96
CA ALA E 41 2.56 -14.96 17.12
C ALA E 41 2.88 -13.64 17.77
N GLY E 42 1.84 -12.96 18.25
CA GLY E 42 2.01 -11.68 18.93
C GLY E 42 2.29 -10.50 18.06
N ARG E 43 2.64 -10.73 16.81
CA ARG E 43 2.96 -9.61 15.92
C ARG E 43 2.03 -9.49 14.74
N GLY E 44 2.12 -8.34 14.08
CA GLY E 44 1.30 -8.06 12.91
C GLY E 44 1.93 -8.61 11.66
N PRO E 45 1.15 -8.74 10.59
CA PRO E 45 1.66 -9.25 9.32
C PRO E 45 2.85 -8.50 8.79
N GLN E 46 3.86 -9.23 8.30
CA GLN E 46 5.10 -8.64 7.71
C GLN E 46 5.16 -8.99 6.24
N LEU E 47 5.39 -7.96 5.42
CA LEU E 47 5.43 -8.12 3.97
C LEU E 47 6.57 -8.93 3.52
N LEU E 48 6.29 -9.92 2.69
CA LEU E 48 7.33 -10.76 2.09
C LEU E 48 7.49 -10.33 0.62
N PHE E 49 6.38 -10.40 -0.13
CA PHE E 49 6.35 -10.02 -1.55
C PHE E 49 5.13 -9.17 -1.93
N TYR E 50 5.37 -8.21 -2.82
CA TYR E 50 4.33 -7.35 -3.36
C TYR E 50 4.50 -7.35 -4.87
N TRP E 51 3.52 -7.93 -5.55
CA TRP E 51 3.53 -8.04 -7.01
C TRP E 51 2.44 -7.27 -7.66
N GLY E 52 2.78 -6.55 -8.72
CA GLY E 52 1.80 -5.87 -9.49
C GLY E 52 1.37 -6.85 -10.58
N PRO E 53 0.38 -6.48 -11.39
CA PRO E 53 -0.07 -7.40 -12.43
C PRO E 53 1.03 -7.93 -13.35
N PHE E 54 2.13 -7.18 -13.52
CA PHE E 54 3.20 -7.60 -14.45
C PHE E 54 4.54 -8.02 -13.83
N GLY E 55 4.61 -8.06 -12.52
CA GLY E 55 5.85 -8.45 -11.88
C GLY E 55 6.02 -7.86 -10.53
N GLN E 56 7.01 -8.38 -9.81
CA GLN E 56 7.32 -7.95 -8.45
C GLN E 56 7.69 -6.47 -8.36
N ILE E 57 7.15 -5.80 -7.34
CA ILE E 57 7.46 -4.42 -7.11
C ILE E 57 8.26 -4.26 -5.81
N SER E 58 7.99 -5.10 -4.81
CA SER E 58 8.72 -5.04 -3.54
C SER E 58 10.19 -5.28 -3.76
N SER E 59 11.02 -4.66 -2.92
CA SER E 59 12.47 -4.80 -3.03
C SER E 59 13.05 -5.73 -1.95
N GLU E 60 12.20 -6.19 -1.03
CA GLU E 60 12.62 -7.09 0.05
C GLU E 60 13.16 -8.40 -0.51
N VAL E 61 14.07 -9.02 0.23
CA VAL E 61 14.66 -10.27 -0.16
C VAL E 61 14.59 -11.29 0.99
N PRO E 62 13.38 -11.84 1.24
CA PRO E 62 13.21 -12.84 2.30
C PRO E 62 14.06 -14.06 2.05
N GLN E 63 14.80 -14.46 3.05
CA GLN E 63 15.69 -15.58 2.93
C GLN E 63 14.95 -16.92 2.74
N ASN E 64 15.41 -17.70 1.77
CA ASN E 64 14.91 -19.05 1.57
C ASN E 64 13.45 -19.15 1.02
N LEU E 65 12.88 -18.03 0.58
CA LEU E 65 11.51 -18.03 0.00
C LEU E 65 11.50 -17.32 -1.34
N SER E 66 10.53 -17.68 -2.19
CA SER E 66 10.38 -17.04 -3.48
C SER E 66 8.95 -17.10 -3.88
N ALA E 67 8.54 -16.15 -4.72
CA ALA E 67 7.17 -16.08 -5.19
C ALA E 67 7.08 -16.15 -6.68
N SER E 68 5.92 -16.55 -7.18
CA SER E 68 5.68 -16.59 -8.62
C SER E 68 4.21 -16.39 -8.88
N ARG E 69 3.91 -15.92 -10.08
CA ARG E 69 2.55 -15.61 -10.49
C ARG E 69 2.30 -16.19 -11.86
N PRO E 70 1.94 -17.48 -11.92
CA PRO E 70 1.75 -18.18 -13.21
C PRO E 70 0.57 -17.68 -14.04
N GLN E 71 -0.37 -17.03 -13.40
CA GLN E 71 -1.53 -16.49 -14.10
C GLN E 71 -1.91 -15.22 -13.46
N ASP E 72 -2.70 -14.43 -14.14
CA ASP E 72 -3.11 -13.16 -13.60
C ASP E 72 -3.65 -13.34 -12.15
N ARG E 73 -4.50 -14.32 -11.94
CA ARG E 73 -5.13 -14.49 -10.62
C ARG E 73 -4.63 -15.66 -9.75
N GLN E 74 -3.46 -16.21 -10.07
CA GLN E 74 -2.88 -17.30 -9.28
C GLN E 74 -1.52 -16.86 -8.76
N PHE E 75 -1.35 -16.86 -7.46
CA PHE E 75 -0.13 -16.42 -6.85
C PHE E 75 0.41 -17.57 -5.99
N ILE E 76 1.70 -17.88 -6.15
CA ILE E 76 2.33 -18.97 -5.44
C ILE E 76 3.51 -18.53 -4.61
N LEU E 77 3.67 -19.17 -3.47
CA LEU E 77 4.83 -18.92 -2.57
C LEU E 77 5.50 -20.26 -2.37
N SER E 78 6.82 -20.32 -2.45
CA SER E 78 7.48 -21.57 -2.25
C SER E 78 8.86 -21.48 -1.73
N SER E 79 9.34 -22.63 -1.25
CA SER E 79 10.66 -22.76 -0.72
C SER E 79 11.12 -24.12 -1.09
N LYS E 80 12.42 -24.26 -1.37
CA LYS E 80 12.99 -25.55 -1.73
C LYS E 80 13.39 -26.37 -0.51
N LYS E 81 13.77 -25.68 0.56
CA LYS E 81 14.22 -26.35 1.78
C LYS E 81 13.95 -25.47 3.02
N LEU E 82 12.86 -25.74 3.70
CA LEU E 82 12.44 -24.98 4.84
C LEU E 82 13.40 -24.97 6.02
N LEU E 83 13.46 -23.83 6.67
CA LEU E 83 14.26 -23.62 7.88
C LEU E 83 13.27 -23.50 9.09
N LEU E 84 13.69 -23.92 10.29
CA LEU E 84 12.83 -23.77 11.50
C LEU E 84 12.20 -22.42 11.56
N SER E 85 12.99 -21.38 11.25
CA SER E 85 12.53 -20.02 11.31
C SER E 85 11.43 -19.71 10.32
N ASP E 86 11.05 -20.68 9.47
CA ASP E 86 9.97 -20.44 8.47
C ASP E 86 8.52 -20.66 9.01
N SER E 87 8.40 -21.13 10.27
CA SER E 87 7.07 -21.32 10.90
C SER E 87 6.36 -19.98 10.92
N GLY E 88 5.07 -20.00 10.65
CA GLY E 88 4.30 -18.77 10.70
C GLY E 88 2.96 -18.90 10.10
N PHE E 89 2.23 -17.77 10.05
CA PHE E 89 0.91 -17.73 9.50
C PHE E 89 1.02 -16.93 8.19
N TYR E 90 1.04 -17.66 7.08
CA TYR E 90 1.16 -17.04 5.74
C TYR E 90 -0.15 -16.53 5.21
N LEU E 91 -0.21 -15.21 5.04
CA LEU E 91 -1.40 -14.54 4.59
C LEU E 91 -1.23 -13.98 3.18
N CYS E 92 -2.23 -14.20 2.34
CA CYS E 92 -2.22 -13.68 0.99
C CYS E 92 -3.22 -12.56 0.93
N ALA E 93 -2.93 -11.54 0.13
CA ALA E 93 -3.87 -10.39 0.01
C ALA E 93 -3.83 -9.77 -1.37
N TRP E 94 -4.90 -9.02 -1.72
CA TRP E 94 -4.97 -8.34 -3.04
C TRP E 94 -5.48 -6.92 -2.90
N SER E 95 -5.17 -6.10 -3.90
CA SER E 95 -5.68 -4.70 -3.96
C SER E 95 -6.04 -4.40 -5.46
N GLU E 96 -7.01 -3.55 -5.69
CA GLU E 96 -7.42 -3.21 -7.07
C GLU E 96 -6.21 -2.65 -7.79
N THR E 97 -6.11 -2.89 -9.07
CA THR E 97 -4.94 -2.45 -9.81
C THR E 97 -4.67 -0.94 -9.67
N GLY E 98 -3.43 -0.59 -9.40
CA GLY E 98 -3.02 0.81 -9.27
C GLY E 98 -2.77 1.18 -7.83
N LEU E 99 -3.11 2.43 -7.48
CA LEU E 99 -3.01 2.93 -6.13
C LEU E 99 -4.40 3.42 -5.76
N GLY E 100 -5.16 2.59 -5.03
CA GLY E 100 -6.53 2.94 -4.65
C GLY E 100 -7.03 2.31 -3.37
N MET E 101 -8.33 2.50 -3.10
CA MET E 101 -8.95 1.97 -1.88
C MET E 101 -9.67 0.60 -2.06
N GLY E 102 -9.85 0.15 -3.29
CA GLY E 102 -10.54 -1.11 -3.55
C GLY E 102 -9.71 -2.33 -3.18
N GLY E 103 -10.36 -3.31 -2.56
CA GLY E 103 -9.69 -4.54 -2.20
C GLY E 103 -9.17 -4.55 -0.77
N TRP E 104 -7.89 -4.87 -0.63
CA TRP E 104 -7.22 -4.95 0.68
C TRP E 104 -7.83 -6.01 1.57
N GLN E 105 -8.17 -7.15 0.99
CA GLN E 105 -8.73 -8.28 1.74
C GLN E 105 -7.71 -9.41 1.79
N PHE E 106 -7.68 -10.15 2.91
CA PHE E 106 -6.78 -11.30 3.05
C PHE E 106 -7.50 -12.61 2.78
N GLY E 107 -6.72 -13.62 2.41
CA GLY E 107 -7.21 -14.94 2.27
C GLY E 107 -7.40 -15.47 3.70
N GLU E 108 -7.83 -16.73 3.84
CA GLU E 108 -8.03 -17.30 5.15
C GLU E 108 -6.72 -17.70 5.81
N GLY E 109 -5.63 -17.56 5.08
CA GLY E 109 -4.29 -17.83 5.60
C GLY E 109 -3.86 -19.27 5.60
N SER E 110 -2.54 -19.48 5.65
CA SER E 110 -1.97 -20.85 5.73
C SER E 110 -1.01 -20.94 6.91
N ARG E 111 -1.37 -21.74 7.89
CA ARG E 111 -0.50 -21.89 9.05
C ARG E 111 0.51 -22.98 8.82
N LEU E 112 1.79 -22.63 8.97
CA LEU E 112 2.90 -23.57 8.75
C LEU E 112 3.76 -23.76 9.97
N THR E 113 3.94 -25.02 10.36
CA THR E 113 4.81 -25.38 11.49
C THR E 113 5.92 -26.25 11.01
N VAL E 114 7.13 -25.80 11.19
CA VAL E 114 8.28 -26.57 10.78
C VAL E 114 8.88 -27.19 12.05
N LEU E 115 9.18 -28.49 12.01
CA LEU E 115 9.69 -29.18 13.19
C LEU E 115 11.05 -29.75 12.98
N GLU E 116 11.90 -29.68 14.02
CA GLU E 116 13.23 -30.26 13.98
C GLU E 116 13.08 -31.77 13.94
N ASP E 117 12.28 -32.29 14.89
CA ASP E 117 12.09 -33.74 15.03
C ASP E 117 10.59 -34.13 15.00
N LEU E 118 10.23 -35.07 14.13
CA LEU E 118 8.88 -35.49 13.98
C LEU E 118 8.39 -36.48 15.07
N LYS E 119 9.31 -37.09 15.81
CA LYS E 119 8.91 -38.06 16.86
C LYS E 119 8.02 -37.43 17.91
N ASN E 120 8.09 -36.12 18.04
CA ASN E 120 7.30 -35.42 19.05
C ASN E 120 5.84 -35.18 18.67
N VAL E 121 5.44 -35.54 17.46
CA VAL E 121 4.06 -35.30 17.02
C VAL E 121 3.11 -36.39 17.50
N PHE E 122 1.97 -35.96 18.05
CA PHE E 122 0.91 -36.87 18.57
C PHE E 122 -0.46 -36.28 18.29
N PRO E 123 -1.42 -37.10 17.91
CA PRO E 123 -2.75 -36.57 17.74
C PRO E 123 -3.39 -36.45 19.13
N PRO E 124 -4.54 -35.81 19.21
CA PRO E 124 -5.20 -35.66 20.49
C PRO E 124 -6.03 -36.85 20.90
N GLU E 125 -6.06 -37.12 22.21
CA GLU E 125 -7.00 -38.13 22.74
C GLU E 125 -8.19 -37.30 23.14
N VAL E 126 -9.37 -37.74 22.78
CA VAL E 126 -10.54 -36.97 23.06
C VAL E 126 -11.48 -37.69 23.97
N ALA E 127 -12.02 -36.97 24.95
CA ALA E 127 -12.96 -37.52 25.87
C ALA E 127 -14.06 -36.51 26.12
N VAL E 128 -15.28 -37.00 26.31
CA VAL E 128 -16.41 -36.16 26.63
C VAL E 128 -16.91 -36.51 28.05
N PHE E 129 -17.12 -35.48 28.86
CA PHE E 129 -17.58 -35.68 30.23
C PHE E 129 -19.03 -35.26 30.37
N GLU E 130 -19.83 -36.13 31.00
CA GLU E 130 -21.27 -35.87 31.14
C GLU E 130 -21.61 -34.84 32.19
N PRO E 131 -22.77 -34.19 32.03
CA PRO E 131 -23.22 -33.19 32.95
C PRO E 131 -23.38 -33.71 34.37
N SER E 132 -23.22 -32.81 35.33
CA SER E 132 -23.38 -33.12 36.76
C SER E 132 -24.85 -33.01 37.16
N GLU E 133 -25.33 -33.97 37.95
CA GLU E 133 -26.73 -33.93 38.46
C GLU E 133 -26.94 -32.71 39.30
N ALA E 134 -25.95 -32.39 40.13
CA ALA E 134 -26.02 -31.21 40.98
C ALA E 134 -26.40 -29.99 40.12
N GLU E 135 -25.73 -29.83 38.97
CA GLU E 135 -25.99 -28.71 38.07
C GLU E 135 -27.42 -28.75 37.51
N ILE E 136 -27.82 -29.91 37.01
CA ILE E 136 -29.14 -30.08 36.42
C ILE E 136 -30.25 -29.70 37.40
N SER E 137 -30.21 -30.30 38.59
CA SER E 137 -31.23 -30.06 39.59
C SER E 137 -31.11 -28.68 40.26
N HIS E 138 -30.08 -27.92 39.91
CA HIS E 138 -29.89 -26.61 40.49
C HIS E 138 -30.12 -25.47 39.50
N THR E 139 -29.94 -25.73 38.21
CA THR E 139 -30.11 -24.69 37.19
C THR E 139 -30.95 -25.13 36.00
N GLN E 140 -31.29 -26.40 35.95
CA GLN E 140 -32.06 -26.94 34.83
C GLN E 140 -31.32 -26.70 33.55
N LYS E 141 -29.99 -26.81 33.64
CA LYS E 141 -29.09 -26.68 32.50
C LYS E 141 -28.06 -27.79 32.62
N ALA E 142 -27.53 -28.24 31.47
CA ALA E 142 -26.55 -29.32 31.44
C ALA E 142 -25.37 -28.91 30.56
N THR E 143 -24.16 -29.03 31.13
CA THR E 143 -22.94 -28.66 30.43
C THR E 143 -22.07 -29.87 30.18
N LEU E 144 -21.79 -30.14 28.90
CA LEU E 144 -20.90 -31.21 28.55
C LEU E 144 -19.56 -30.59 28.35
N VAL E 145 -18.53 -31.29 28.75
CA VAL E 145 -17.19 -30.82 28.57
C VAL E 145 -16.46 -31.82 27.73
N CYS E 146 -15.61 -31.31 26.86
CA CYS E 146 -14.83 -32.17 26.02
C CYS E 146 -13.39 -31.86 26.23
N LEU E 147 -12.58 -32.89 26.41
CA LEU E 147 -11.15 -32.71 26.56
C LEU E 147 -10.40 -33.36 25.44
N ALA E 148 -9.51 -32.59 24.84
CA ALA E 148 -8.65 -33.03 23.80
C ALA E 148 -7.28 -32.90 24.43
N THR E 149 -6.65 -34.01 24.74
CA THR E 149 -5.37 -33.96 25.44
C THR E 149 -4.22 -34.64 24.71
N GLY E 150 -3.01 -34.33 25.14
CA GLY E 150 -1.80 -34.95 24.61
C GLY E 150 -1.41 -34.69 23.17
N PHE E 151 -1.93 -33.65 22.54
CA PHE E 151 -1.56 -33.41 21.15
C PHE E 151 -0.33 -32.51 20.97
N TYR E 152 0.24 -32.57 19.74
CA TYR E 152 1.41 -31.77 19.37
C TYR E 152 1.63 -31.94 17.85
N PRO E 153 1.78 -30.83 17.12
CA PRO E 153 1.78 -29.47 17.54
C PRO E 153 0.40 -28.98 18.01
N ASP E 154 0.34 -27.70 18.38
CA ASP E 154 -0.85 -27.13 19.02
C ASP E 154 -1.98 -26.61 18.16
N HIS E 155 -2.16 -27.14 16.95
N HIS E 155 -2.14 -27.13 16.96
CA HIS E 155 -3.28 -26.67 16.13
CA HIS E 155 -3.23 -26.66 16.09
C HIS E 155 -4.27 -27.76 15.83
C HIS E 155 -4.27 -27.75 15.78
N VAL E 156 -5.44 -27.62 16.43
CA VAL E 156 -6.51 -28.53 16.26
C VAL E 156 -7.78 -27.67 16.07
N GLU E 157 -8.86 -28.26 15.56
CA GLU E 157 -10.15 -27.51 15.35
C GLU E 157 -11.29 -28.33 15.95
N LEU E 158 -11.82 -27.85 17.07
CA LEU E 158 -12.87 -28.59 17.80
C LEU E 158 -14.25 -28.11 17.47
N SER E 159 -15.17 -29.05 17.36
CA SER E 159 -16.53 -28.74 17.03
C SER E 159 -17.44 -29.75 17.67
N TRP E 160 -18.65 -29.32 18.01
CA TRP E 160 -19.63 -30.18 18.61
C TRP E 160 -20.67 -30.55 17.59
N TRP E 161 -21.16 -31.79 17.67
CA TRP E 161 -22.16 -32.27 16.76
C TRP E 161 -23.31 -32.91 17.51
N VAL E 162 -24.51 -32.45 17.21
CA VAL E 162 -25.72 -32.97 17.82
C VAL E 162 -26.58 -33.57 16.74
N ASN E 163 -26.97 -34.83 16.93
CA ASN E 163 -27.84 -35.54 15.96
C ASN E 163 -27.35 -35.40 14.51
N GLY E 164 -26.05 -35.62 14.32
CA GLY E 164 -25.45 -35.57 13.00
C GLY E 164 -25.23 -34.19 12.40
N LYS E 165 -25.48 -33.13 13.18
CA LYS E 165 -25.27 -31.78 12.67
C LYS E 165 -24.53 -30.89 13.64
N GLU E 166 -23.65 -30.05 13.10
CA GLU E 166 -22.83 -29.17 13.91
C GLU E 166 -23.69 -28.12 14.60
N VAL E 167 -23.23 -27.63 15.75
CA VAL E 167 -23.98 -26.62 16.54
C VAL E 167 -23.03 -25.56 17.09
N HIS E 168 -23.48 -24.31 17.12
N HIS E 168 -23.48 -24.30 17.08
CA HIS E 168 -22.63 -23.23 17.62
CA HIS E 168 -22.67 -23.18 17.54
C HIS E 168 -23.16 -22.60 18.91
C HIS E 168 -23.17 -22.59 18.87
N SER E 169 -24.47 -22.48 19.02
CA SER E 169 -25.05 -21.92 20.22
C SER E 169 -24.77 -22.84 21.40
N GLY E 170 -24.43 -22.23 22.53
CA GLY E 170 -24.14 -22.99 23.75
C GLY E 170 -22.76 -23.58 23.78
N VAL E 171 -21.92 -23.17 22.83
CA VAL E 171 -20.56 -23.72 22.72
C VAL E 171 -19.50 -22.72 23.15
N CYS E 172 -18.52 -23.20 23.89
CA CYS E 172 -17.42 -22.37 24.33
C CYS E 172 -16.13 -23.17 24.24
N THR E 173 -15.24 -22.77 23.34
CA THR E 173 -13.97 -23.45 23.19
C THR E 173 -12.84 -22.55 23.60
N ASP E 174 -11.91 -23.06 24.39
CA ASP E 174 -10.75 -22.27 24.82
C ASP E 174 -10.09 -21.65 23.59
N PRO E 175 -9.72 -20.37 23.69
CA PRO E 175 -9.06 -19.74 22.55
C PRO E 175 -7.70 -20.38 22.27
N GLN E 176 -7.00 -20.83 23.32
CA GLN E 176 -5.69 -21.49 23.14
C GLN E 176 -5.47 -22.65 24.13
N PRO E 177 -4.57 -23.58 23.78
CA PRO E 177 -4.30 -24.75 24.56
C PRO E 177 -3.26 -24.58 25.65
N LEU E 178 -3.34 -25.43 26.66
CA LEU E 178 -2.40 -25.42 27.76
C LEU E 178 -1.29 -26.38 27.47
N LYS E 179 -0.13 -26.11 28.02
CA LYS E 179 0.95 -27.02 27.90
C LYS E 179 0.79 -27.98 29.04
N GLU E 180 0.86 -29.27 28.76
CA GLU E 180 0.74 -30.26 29.80
C GLU E 180 1.99 -30.34 30.67
N GLN E 181 3.11 -29.86 30.13
CA GLN E 181 4.38 -29.85 30.83
C GLN E 181 5.09 -28.52 30.57
N PRO E 182 4.60 -27.42 31.19
CA PRO E 182 5.13 -26.07 31.01
C PRO E 182 6.64 -26.00 30.93
N ALA E 183 7.32 -26.81 31.72
CA ALA E 183 8.79 -26.82 31.71
C ALA E 183 9.36 -27.32 30.37
N LEU E 184 8.87 -28.48 29.91
CA LEU E 184 9.35 -29.06 28.66
C LEU E 184 9.16 -28.14 27.45
N ASN E 185 10.23 -27.96 26.69
CA ASN E 185 10.19 -27.10 25.51
C ASN E 185 9.17 -27.63 24.49
N ASP E 186 9.34 -28.88 24.10
CA ASP E 186 8.44 -29.52 23.12
C ASP E 186 7.26 -30.24 23.79
N SER E 187 6.68 -29.60 24.80
CA SER E 187 5.56 -30.17 25.53
C SER E 187 4.35 -30.37 24.68
N ARG E 188 3.53 -31.35 25.06
CA ARG E 188 2.28 -31.62 24.37
C ARG E 188 1.19 -30.72 24.97
N TYR E 189 0.04 -30.60 24.27
CA TYR E 189 -1.02 -29.68 24.67
C TYR E 189 -2.32 -30.34 24.98
N ALA E 190 -3.20 -29.55 25.60
CA ALA E 190 -4.55 -29.97 25.93
C ALA E 190 -5.49 -28.80 25.62
N LEU E 191 -6.75 -29.08 25.39
CA LEU E 191 -7.70 -28.04 25.07
C LEU E 191 -9.10 -28.49 25.50
N SER E 192 -9.87 -27.58 26.11
CA SER E 192 -11.24 -27.93 26.56
C SER E 192 -12.33 -27.16 25.81
N SER E 193 -13.52 -27.73 25.79
CA SER E 193 -14.68 -27.08 25.20
C SER E 193 -15.96 -27.44 26.02
N ARG E 194 -16.93 -26.54 26.00
CA ARG E 194 -18.20 -26.75 26.72
C ARG E 194 -19.38 -26.69 25.75
N LEU E 195 -20.39 -27.50 26.03
CA LEU E 195 -21.63 -27.50 25.27
C LEU E 195 -22.76 -27.53 26.28
N ARG E 196 -23.43 -26.41 26.48
CA ARG E 196 -24.49 -26.35 27.46
C ARG E 196 -25.86 -26.37 26.76
N VAL E 197 -26.72 -27.27 27.22
CA VAL E 197 -28.05 -27.45 26.65
C VAL E 197 -29.05 -27.54 27.78
N SER E 198 -30.33 -27.53 27.45
CA SER E 198 -31.36 -27.63 28.48
C SER E 198 -31.31 -29.03 29.11
N ALA E 199 -31.67 -29.11 30.39
CA ALA E 199 -31.69 -30.39 31.10
C ALA E 199 -32.56 -31.38 30.35
N THR E 200 -33.76 -30.91 29.97
CA THR E 200 -34.71 -31.75 29.24
C THR E 200 -34.14 -32.24 27.88
N PHE E 201 -33.20 -31.49 27.31
CA PHE E 201 -32.61 -31.91 26.05
C PHE E 201 -31.60 -33.02 26.31
N TRP E 202 -30.79 -32.86 27.36
CA TRP E 202 -29.83 -33.89 27.75
C TRP E 202 -30.54 -35.11 28.26
N GLN E 203 -31.60 -34.90 29.01
CA GLN E 203 -32.35 -36.01 29.61
C GLN E 203 -33.02 -36.89 28.58
N ASP E 204 -33.09 -36.43 27.34
CA ASP E 204 -33.68 -37.22 26.28
C ASP E 204 -32.59 -38.13 25.67
N PRO E 205 -32.72 -39.47 25.86
CA PRO E 205 -31.73 -40.43 25.36
C PRO E 205 -31.74 -40.59 23.84
N ARG E 206 -32.74 -39.99 23.19
CA ARG E 206 -32.89 -40.06 21.75
C ARG E 206 -31.84 -39.13 21.08
N ASN E 207 -31.30 -38.17 21.86
CA ASN E 207 -30.31 -37.20 21.38
C ASN E 207 -28.87 -37.73 21.47
N HIS E 208 -28.08 -37.42 20.44
CA HIS E 208 -26.69 -37.88 20.35
C HIS E 208 -25.72 -36.70 20.34
N PHE E 209 -24.68 -36.75 21.19
CA PHE E 209 -23.69 -35.67 21.28
C PHE E 209 -22.31 -36.16 20.92
N ARG E 210 -21.64 -35.46 20.02
CA ARG E 210 -20.28 -35.84 19.62
C ARG E 210 -19.34 -34.65 19.58
N CYS E 211 -18.18 -34.82 20.20
CA CYS E 211 -17.12 -33.82 20.19
C CYS E 211 -16.10 -34.23 19.12
N GLN E 212 -16.01 -33.47 18.08
CA GLN E 212 -15.10 -33.79 16.99
C GLN E 212 -13.83 -32.91 17.04
N VAL E 213 -12.67 -33.52 16.89
CA VAL E 213 -11.40 -32.74 16.89
C VAL E 213 -10.56 -33.00 15.66
N GLN E 214 -10.47 -32.01 14.76
CA GLN E 214 -9.62 -32.13 13.55
C GLN E 214 -8.20 -31.85 13.94
N PHE E 215 -7.30 -32.77 13.64
CA PHE E 215 -5.88 -32.61 13.95
C PHE E 215 -5.12 -32.58 12.71
N TYR E 216 -4.11 -31.72 12.66
CA TYR E 216 -3.23 -31.63 11.49
C TYR E 216 -1.83 -32.15 11.87
N GLY E 217 -1.36 -33.15 11.15
CA GLY E 217 -0.08 -33.75 11.48
C GLY E 217 0.72 -34.08 10.30
N LEU E 218 1.42 -35.20 10.35
CA LEU E 218 2.31 -35.61 9.27
C LEU E 218 1.61 -36.04 7.99
N SER E 219 2.40 -36.15 6.94
CA SER E 219 1.96 -36.61 5.65
C SER E 219 2.25 -38.09 5.61
N GLU E 220 1.41 -38.87 4.93
CA GLU E 220 1.60 -40.31 4.93
C GLU E 220 3.04 -40.73 4.55
N ASN E 221 3.68 -39.98 3.66
CA ASN E 221 5.02 -40.29 3.23
C ASN E 221 6.17 -39.58 4.03
N ASP E 222 5.88 -39.05 5.20
CA ASP E 222 6.93 -38.40 5.99
C ASP E 222 7.83 -39.39 6.65
N GLU E 223 9.10 -39.08 6.71
CA GLU E 223 10.09 -39.94 7.34
C GLU E 223 9.58 -40.28 8.72
N TRP E 224 9.50 -41.58 9.03
CA TRP E 224 8.98 -42.03 10.35
C TRP E 224 9.74 -43.25 10.85
N THR E 225 10.08 -43.24 12.13
CA THR E 225 10.91 -44.30 12.74
C THR E 225 10.30 -45.00 13.96
N GLN E 226 9.22 -44.45 14.48
CA GLN E 226 8.60 -44.96 15.69
C GLN E 226 7.71 -46.21 15.46
N ASP E 227 7.53 -47.00 16.53
CA ASP E 227 6.65 -48.16 16.50
C ASP E 227 5.23 -47.75 16.18
N ARG E 228 4.71 -46.76 16.91
CA ARG E 228 3.35 -46.33 16.74
C ARG E 228 3.01 -45.92 15.33
N ALA E 229 1.72 -46.00 15.01
CA ALA E 229 1.22 -45.64 13.70
C ALA E 229 1.56 -44.20 13.41
N LYS E 230 1.88 -43.91 12.18
CA LYS E 230 2.25 -42.58 11.81
C LYS E 230 1.09 -41.63 12.20
N PRO E 231 1.41 -40.57 12.95
CA PRO E 231 0.44 -39.56 13.42
C PRO E 231 0.10 -38.53 12.38
N VAL E 232 -0.64 -38.94 11.37
CA VAL E 232 -1.02 -38.05 10.28
C VAL E 232 -2.26 -37.18 10.61
N THR E 233 -2.63 -36.32 9.67
CA THR E 233 -3.83 -35.46 9.78
C THR E 233 -5.02 -36.38 9.90
N GLN E 234 -5.85 -36.14 10.91
CA GLN E 234 -7.04 -37.02 11.18
C GLN E 234 -8.05 -36.37 12.08
N ILE E 235 -9.22 -36.97 12.12
CA ILE E 235 -10.28 -36.52 12.98
C ILE E 235 -10.49 -37.54 14.12
N VAL E 236 -10.36 -37.07 15.35
CA VAL E 236 -10.52 -37.91 16.54
C VAL E 236 -11.71 -37.38 17.29
N SER E 237 -12.62 -38.26 17.69
CA SER E 237 -13.80 -37.78 18.40
C SER E 237 -14.25 -38.67 19.52
N ALA E 238 -15.15 -38.15 20.35
CA ALA E 238 -15.73 -38.88 21.47
C ALA E 238 -17.25 -38.59 21.46
N GLU E 239 -18.04 -39.52 21.96
CA GLU E 239 -19.51 -39.32 21.96
C GLU E 239 -20.19 -39.68 23.23
N ALA E 240 -21.43 -39.23 23.34
CA ALA E 240 -22.27 -39.51 24.49
C ALA E 240 -23.73 -39.44 24.09
N TRP E 241 -24.56 -40.22 24.78
CA TRP E 241 -26.02 -40.22 24.53
C TRP E 241 -26.72 -39.57 25.69
N GLY E 242 -27.95 -39.14 25.47
CA GLY E 242 -28.73 -38.55 26.52
C GLY E 242 -29.04 -39.60 27.56
N ARG E 243 -29.21 -39.18 28.81
CA ARG E 243 -29.50 -40.11 29.90
C ARG E 243 -30.57 -39.56 30.87
N ALA E 244 -31.64 -40.32 31.06
CA ALA E 244 -32.70 -39.94 32.00
C ALA E 244 -32.19 -40.25 33.40
N ASP E 245 -31.97 -39.19 34.20
CA ASP E 245 -31.41 -39.32 35.57
C ASP E 245 -30.30 -40.41 35.65
#